data_7B28
#
_entry.id   7B28
#
_cell.length_a   68.366
_cell.length_b   150.298
_cell.length_c   68.430
_cell.angle_alpha   90.000
_cell.angle_beta   91.833
_cell.angle_gamma   90.000
#
_symmetry.space_group_name_H-M   'P 1 21 1'
#
loop_
_entity.id
_entity.type
_entity.pdbx_description
1 polymer CirpA3
2 non-polymer 'SULFATE ION'
3 water water
#
_entity_poly.entity_id   1
_entity_poly.type   'polypeptide(L)'
_entity_poly.pdbx_seq_one_letter_code
;MGNDWNPESFAIDEFMNTTDDIWVLNTTQQNPQACKKDKKHNITENGIYFFRSHKENGQIKTQTLFGEFIHFSEEEKVNN
RISISDESSGVHAEHLYYSSEDKKCGLVQVFAKDQNVWTELRVRGHPNYGSLDAGCRREYEAYVKEIKGKKNSTSPYSDD
CQIKV
;
_entity_poly.pdbx_strand_id   F,A,B,C,D,E,G,H
#
# COMPACT_ATOMS: atom_id res chain seq x y z
N GLU A 8 -24.33 22.72 12.19
CA GLU A 8 -24.20 23.95 11.43
C GLU A 8 -24.70 23.78 10.00
N SER A 9 -25.39 24.80 9.49
CA SER A 9 -25.86 24.80 8.12
C SER A 9 -25.01 25.77 7.30
N PHE A 10 -24.86 25.46 6.01
CA PHE A 10 -24.03 26.24 5.11
C PHE A 10 -24.85 26.71 3.92
N ALA A 11 -24.95 28.03 3.76
CA ALA A 11 -25.79 28.61 2.73
C ALA A 11 -25.14 28.44 1.36
N ILE A 12 -25.90 27.86 0.42
CA ILE A 12 -25.38 27.65 -0.92
C ILE A 12 -25.43 28.93 -1.75
N ASP A 13 -26.29 29.88 -1.39
CA ASP A 13 -26.33 31.17 -2.09
C ASP A 13 -25.21 32.10 -1.67
N GLU A 14 -24.63 31.91 -0.49
CA GLU A 14 -23.45 32.69 -0.12
C GLU A 14 -22.18 32.11 -0.72
N PHE A 15 -22.07 30.78 -0.75
CA PHE A 15 -20.90 30.14 -1.34
C PHE A 15 -20.81 30.41 -2.84
N MET A 16 -21.94 30.57 -3.53
CA MET A 16 -21.96 30.82 -4.95
C MET A 16 -22.14 32.29 -5.31
N ASN A 17 -22.11 33.19 -4.32
CA ASN A 17 -22.26 34.63 -4.59
C ASN A 17 -20.90 35.23 -4.95
N THR A 18 -20.45 34.90 -6.16
CA THR A 18 -19.17 35.39 -6.62
C THR A 18 -19.17 35.47 -8.15
N THR A 19 -18.36 36.38 -8.67
CA THR A 19 -18.13 36.46 -10.10
C THR A 19 -17.06 35.47 -10.57
N ASP A 20 -16.46 34.73 -9.63
CA ASP A 20 -15.43 33.77 -9.97
C ASP A 20 -16.07 32.47 -10.44
N ASP A 21 -15.34 31.74 -11.27
CA ASP A 21 -15.77 30.40 -11.65
C ASP A 21 -15.62 29.46 -10.47
N ILE A 22 -16.61 28.60 -10.27
CA ILE A 22 -16.56 27.60 -9.22
C ILE A 22 -16.30 26.26 -9.89
N TRP A 23 -15.08 25.77 -9.76
CA TRP A 23 -14.63 24.56 -10.43
C TRP A 23 -14.80 23.35 -9.52
N VAL A 24 -15.05 22.20 -10.15
CA VAL A 24 -15.12 20.93 -9.44
C VAL A 24 -13.69 20.40 -9.30
N LEU A 25 -13.11 20.56 -8.11
CA LEU A 25 -11.76 20.09 -7.87
C LEU A 25 -11.71 18.57 -7.72
N ASN A 26 -12.60 18.01 -6.91
CA ASN A 26 -12.64 16.57 -6.68
C ASN A 26 -14.09 16.12 -6.72
N THR A 27 -14.29 14.86 -7.08
CA THR A 27 -15.64 14.31 -7.12
C THR A 27 -15.57 12.80 -6.96
N THR A 28 -16.60 12.26 -6.30
CA THR A 28 -16.77 10.82 -6.17
C THR A 28 -17.73 10.26 -7.20
N GLN A 29 -18.15 11.08 -8.16
CA GLN A 29 -18.91 10.60 -9.30
C GLN A 29 -18.01 9.72 -10.18
N GLN A 30 -18.55 8.60 -10.63
CA GLN A 30 -17.80 7.73 -11.53
C GLN A 30 -17.85 8.30 -12.95
N ASN A 31 -16.68 8.37 -13.59
CA ASN A 31 -16.55 8.88 -14.96
C ASN A 31 -17.18 10.25 -15.14
N PRO A 32 -16.69 11.27 -14.44
CA PRO A 32 -17.30 12.60 -14.54
C PRO A 32 -16.85 13.32 -15.80
N GLN A 33 -17.61 14.36 -16.15
CA GLN A 33 -17.23 15.19 -17.29
C GLN A 33 -15.94 15.96 -16.97
N ALA A 34 -15.33 16.51 -18.02
CA ALA A 34 -14.09 17.25 -17.90
C ALA A 34 -14.37 18.75 -17.82
N CYS A 35 -13.55 19.44 -17.05
CA CYS A 35 -13.59 20.91 -16.91
C CYS A 35 -14.97 21.37 -16.42
N LYS A 36 -15.48 20.68 -15.40
CA LYS A 36 -16.77 21.01 -14.83
C LYS A 36 -16.67 22.26 -13.96
N LYS A 37 -17.55 23.24 -14.20
CA LYS A 37 -17.53 24.48 -13.43
C LYS A 37 -18.92 25.11 -13.49
N ASP A 38 -19.18 25.98 -12.53
CA ASP A 38 -20.38 26.79 -12.49
C ASP A 38 -20.00 28.27 -12.46
N LYS A 39 -20.79 29.09 -13.15
CA LYS A 39 -20.66 30.55 -13.12
C LYS A 39 -21.99 31.13 -12.67
N LYS A 40 -21.99 31.79 -11.51
CA LYS A 40 -23.20 32.42 -11.01
C LYS A 40 -23.62 33.56 -11.92
N HIS A 41 -24.91 33.60 -12.24
CA HIS A 41 -25.52 34.69 -13.00
C HIS A 41 -26.39 35.60 -12.17
N ASN A 42 -27.16 35.05 -11.23
CA ASN A 42 -28.01 35.87 -10.38
C ASN A 42 -28.41 35.06 -9.17
N ILE A 43 -28.64 35.76 -8.07
CA ILE A 43 -29.12 35.14 -6.83
C ILE A 43 -30.33 35.94 -6.36
N THR A 44 -31.46 35.26 -6.23
CA THR A 44 -32.70 35.85 -5.73
C THR A 44 -33.09 35.18 -4.42
N GLU A 45 -34.25 35.56 -3.91
CA GLU A 45 -34.77 34.93 -2.70
C GLU A 45 -35.31 33.53 -2.96
N ASN A 46 -35.66 33.22 -4.21
CA ASN A 46 -36.23 31.93 -4.56
C ASN A 46 -35.19 30.93 -5.06
N GLY A 47 -34.08 31.40 -5.61
CA GLY A 47 -33.07 30.48 -6.08
C GLY A 47 -31.87 31.21 -6.66
N ILE A 48 -31.12 30.49 -7.48
CA ILE A 48 -29.89 31.00 -8.07
C ILE A 48 -29.81 30.57 -9.52
N TYR A 49 -29.64 31.54 -10.41
CA TYR A 49 -29.42 31.29 -11.83
C TYR A 49 -27.94 31.24 -12.11
N PHE A 50 -27.47 30.17 -12.74
CA PHE A 50 -26.06 30.00 -13.02
C PHE A 50 -25.87 29.26 -14.33
N PHE A 51 -24.62 29.19 -14.78
CA PHE A 51 -24.26 28.52 -16.02
C PHE A 51 -23.34 27.35 -15.70
N ARG A 52 -23.77 26.14 -16.03
CA ARG A 52 -23.01 24.93 -15.77
C ARG A 52 -22.34 24.47 -17.06
N SER A 53 -21.02 24.28 -17.00
CA SER A 53 -20.23 23.99 -18.19
C SER A 53 -19.39 22.75 -17.97
N HIS A 54 -18.96 22.16 -19.08
CA HIS A 54 -17.98 21.08 -19.08
C HIS A 54 -17.34 21.07 -20.46
N LYS A 55 -16.30 20.25 -20.61
CA LYS A 55 -15.57 20.13 -21.86
C LYS A 55 -15.71 18.72 -22.40
N GLU A 56 -16.25 18.60 -23.61
CA GLU A 56 -16.18 17.38 -24.41
C GLU A 56 -15.24 17.63 -25.58
N ASN A 57 -14.23 16.76 -25.72
CA ASN A 57 -13.26 16.83 -26.82
C ASN A 57 -12.87 18.22 -27.29
N GLY A 58 -12.50 19.10 -26.36
CA GLY A 58 -12.06 20.43 -26.70
C GLY A 58 -13.14 21.48 -26.81
N GLN A 59 -14.41 21.11 -26.90
CA GLN A 59 -15.48 22.09 -26.98
C GLN A 59 -16.19 22.21 -25.64
N ILE A 60 -16.63 23.42 -25.32
CA ILE A 60 -17.28 23.73 -24.06
C ILE A 60 -18.79 23.68 -24.25
N LYS A 61 -19.45 22.82 -23.49
CA LYS A 61 -20.91 22.74 -23.45
C LYS A 61 -21.38 23.46 -22.20
N THR A 62 -22.36 24.35 -22.36
CA THR A 62 -22.87 25.14 -21.25
C THR A 62 -24.39 25.08 -21.25
N GLN A 63 -24.97 25.11 -20.05
CA GLN A 63 -26.42 25.15 -19.91
C GLN A 63 -26.78 26.15 -18.83
N THR A 64 -27.88 26.88 -19.05
CA THR A 64 -28.40 27.82 -18.07
C THR A 64 -29.34 27.09 -17.13
N LEU A 65 -29.05 27.13 -15.83
CA LEU A 65 -29.83 26.41 -14.84
C LEU A 65 -30.34 27.36 -13.77
N PHE A 66 -31.47 27.02 -13.17
CA PHE A 66 -32.02 27.72 -12.02
C PHE A 66 -32.20 26.72 -10.89
N GLY A 67 -31.40 26.88 -9.83
CA GLY A 67 -31.57 26.06 -8.65
C GLY A 67 -32.48 26.72 -7.64
N GLU A 68 -33.65 26.13 -7.43
CA GLU A 68 -34.64 26.69 -6.51
C GLU A 68 -34.36 26.23 -5.09
N PHE A 69 -34.32 27.17 -4.16
CA PHE A 69 -34.12 26.82 -2.76
C PHE A 69 -35.33 26.01 -2.28
N ILE A 70 -35.07 24.83 -1.74
CA ILE A 70 -36.13 23.96 -1.25
C ILE A 70 -35.87 23.61 0.19
N HIS A 71 -36.95 23.42 0.95
CA HIS A 71 -36.87 23.11 2.37
C HIS A 71 -37.87 22.02 2.69
N PHE A 72 -37.46 21.08 3.52
CA PHE A 72 -38.30 19.95 3.91
C PHE A 72 -39.19 20.26 5.10
N SER A 73 -39.13 21.49 5.63
CA SER A 73 -40.04 21.92 6.68
C SER A 73 -40.27 23.42 6.52
N GLU A 74 -41.10 23.96 7.41
CA GLU A 74 -41.32 25.40 7.44
C GLU A 74 -40.36 26.14 8.35
N GLU A 75 -39.60 25.42 9.18
CA GLU A 75 -38.62 26.03 10.07
C GLU A 75 -37.27 26.20 9.41
N GLU A 76 -37.07 25.63 8.22
CA GLU A 76 -35.81 25.76 7.49
C GLU A 76 -35.79 27.08 6.73
N LYS A 77 -34.77 27.89 6.98
CA LYS A 77 -34.57 29.14 6.25
C LYS A 77 -33.17 29.29 5.69
N VAL A 78 -32.23 28.43 6.05
CA VAL A 78 -30.90 28.46 5.45
C VAL A 78 -30.99 27.85 4.07
N ASN A 79 -30.52 28.58 3.05
CA ASN A 79 -30.56 28.11 1.67
C ASN A 79 -29.34 27.20 1.43
N ASN A 80 -29.47 25.96 1.88
CA ASN A 80 -28.40 24.98 1.76
C ASN A 80 -28.71 23.90 0.74
N ARG A 81 -29.84 23.99 0.05
CA ARG A 81 -30.28 22.94 -0.86
C ARG A 81 -31.05 23.56 -2.02
N ILE A 82 -30.75 23.09 -3.23
CA ILE A 82 -31.40 23.58 -4.44
C ILE A 82 -31.95 22.39 -5.23
N SER A 83 -33.11 22.58 -5.86
CA SER A 83 -33.64 21.65 -6.83
C SER A 83 -33.41 22.19 -8.23
N ILE A 84 -32.99 21.32 -9.14
CA ILE A 84 -32.64 21.73 -10.50
C ILE A 84 -33.49 20.92 -11.48
N SER A 85 -34.06 21.60 -12.46
CA SER A 85 -34.91 21.00 -13.48
C SER A 85 -34.22 21.07 -14.83
N ASP A 86 -34.45 20.03 -15.65
CA ASP A 86 -33.92 19.94 -17.00
C ASP A 86 -32.39 19.93 -17.01
N GLU A 87 -31.79 19.35 -15.98
CA GLU A 87 -30.33 19.20 -15.95
C GLU A 87 -29.93 18.05 -16.88
N SER A 88 -28.89 18.28 -17.68
CA SER A 88 -28.58 17.36 -18.77
C SER A 88 -28.15 15.98 -18.27
N SER A 89 -27.50 15.92 -17.11
CA SER A 89 -27.06 14.65 -16.54
C SER A 89 -28.08 14.06 -15.57
N GLY A 90 -29.29 14.61 -15.52
CA GLY A 90 -30.29 14.13 -14.58
C GLY A 90 -30.08 14.54 -13.13
N VAL A 91 -29.18 15.48 -12.86
CA VAL A 91 -29.00 15.98 -11.50
C VAL A 91 -30.23 16.78 -11.12
N HIS A 92 -30.89 16.38 -10.02
CA HIS A 92 -32.11 17.07 -9.61
C HIS A 92 -31.97 17.84 -8.29
N ALA A 93 -30.96 17.53 -7.47
CA ALA A 93 -30.82 18.21 -6.20
C ALA A 93 -29.33 18.33 -5.85
N GLU A 94 -28.99 19.43 -5.17
CA GLU A 94 -27.66 19.65 -4.65
C GLU A 94 -27.77 20.24 -3.25
N HIS A 95 -26.94 19.73 -2.34
CA HIS A 95 -26.99 20.10 -0.94
C HIS A 95 -25.59 20.42 -0.45
N LEU A 96 -25.36 21.66 -0.05
CA LEU A 96 -24.07 22.08 0.50
C LEU A 96 -24.05 21.73 1.99
N TYR A 97 -23.19 20.78 2.38
CA TYR A 97 -23.11 20.36 3.76
C TYR A 97 -21.85 20.84 4.47
N TYR A 98 -20.93 21.49 3.76
CA TYR A 98 -19.79 22.13 4.40
C TYR A 98 -19.20 23.17 3.46
N SER A 99 -18.70 24.25 4.05
CA SER A 99 -18.00 25.28 3.30
C SER A 99 -17.07 26.03 4.25
N SER A 100 -15.91 26.44 3.74
CA SER A 100 -14.98 27.23 4.54
C SER A 100 -15.58 28.59 4.83
N GLU A 101 -15.03 29.24 5.87
CA GLU A 101 -15.57 30.53 6.31
C GLU A 101 -15.40 31.60 5.24
N ASP A 102 -14.33 31.54 4.45
CA ASP A 102 -14.14 32.51 3.37
C ASP A 102 -14.89 32.13 2.09
N LYS A 103 -15.65 31.04 2.11
CA LYS A 103 -16.53 30.62 1.01
C LYS A 103 -15.75 30.26 -0.26
N LYS A 104 -14.46 29.98 -0.17
CA LYS A 104 -13.67 29.67 -1.36
C LYS A 104 -13.64 28.19 -1.67
N CYS A 105 -14.10 27.33 -0.77
CA CYS A 105 -14.22 25.91 -1.03
C CYS A 105 -15.45 25.37 -0.32
N GLY A 106 -16.04 24.33 -0.90
CA GLY A 106 -17.24 23.73 -0.34
C GLY A 106 -17.38 22.30 -0.77
N LEU A 107 -18.18 21.56 0.00
CA LEU A 107 -18.52 20.17 -0.29
C LEU A 107 -20.01 20.10 -0.60
N VAL A 108 -20.34 19.57 -1.77
CA VAL A 108 -21.71 19.52 -2.26
C VAL A 108 -22.08 18.07 -2.49
N GLN A 109 -23.15 17.62 -1.86
CA GLN A 109 -23.71 16.30 -2.12
C GLN A 109 -24.70 16.44 -3.27
N VAL A 110 -24.50 15.66 -4.32
CA VAL A 110 -25.27 15.81 -5.56
C VAL A 110 -26.14 14.58 -5.74
N PHE A 111 -27.44 14.82 -5.94
CA PHE A 111 -28.43 13.78 -6.20
C PHE A 111 -28.92 13.88 -7.64
N ALA A 112 -28.82 12.78 -8.38
CA ALA A 112 -29.25 12.73 -9.77
C ALA A 112 -30.44 11.79 -9.92
N LYS A 113 -31.15 11.94 -11.04
CA LYS A 113 -32.38 11.19 -11.24
C LYS A 113 -32.13 9.69 -11.37
N ASP A 114 -30.97 9.29 -11.89
CA ASP A 114 -30.64 7.88 -12.01
C ASP A 114 -30.21 7.25 -10.69
N GLN A 115 -30.55 7.89 -9.58
CA GLN A 115 -30.25 7.41 -8.22
C GLN A 115 -28.76 7.33 -7.94
N ASN A 116 -27.94 8.01 -8.74
CA ASN A 116 -26.54 8.19 -8.41
C ASN A 116 -26.39 9.36 -7.45
N VAL A 117 -25.65 9.14 -6.37
CA VAL A 117 -25.36 10.16 -5.38
C VAL A 117 -23.85 10.23 -5.20
N TRP A 118 -23.30 11.44 -5.29
CA TRP A 118 -21.86 11.62 -5.15
C TRP A 118 -21.60 12.95 -4.45
N THR A 119 -20.32 13.25 -4.25
CA THR A 119 -19.88 14.46 -3.58
C THR A 119 -18.87 15.17 -4.46
N GLU A 120 -19.01 16.48 -4.58
CA GLU A 120 -18.08 17.31 -5.33
C GLU A 120 -17.42 18.29 -4.37
N LEU A 121 -16.09 18.38 -4.45
CA LEU A 121 -15.34 19.41 -3.75
C LEU A 121 -15.14 20.56 -4.73
N ARG A 122 -15.81 21.67 -4.48
CA ARG A 122 -15.82 22.82 -5.38
C ARG A 122 -15.01 23.94 -4.77
N VAL A 123 -14.42 24.75 -5.65
CA VAL A 123 -13.52 25.83 -5.23
C VAL A 123 -13.81 27.06 -6.09
N ARG A 124 -13.67 28.23 -5.48
CA ARG A 124 -13.71 29.47 -6.24
C ARG A 124 -12.40 29.63 -7.01
N GLY A 125 -12.51 30.07 -8.26
CA GLY A 125 -11.34 30.21 -9.11
C GLY A 125 -10.81 28.85 -9.55
N HIS A 126 -9.92 28.83 -10.54
CA HIS A 126 -9.41 27.56 -11.02
C HIS A 126 -8.51 26.92 -9.95
N PRO A 127 -8.51 25.59 -9.87
CA PRO A 127 -7.68 24.94 -8.85
C PRO A 127 -6.20 25.19 -9.11
N ASN A 128 -5.47 25.41 -8.03
CA ASN A 128 -4.03 25.62 -8.07
C ASN A 128 -3.30 24.55 -7.26
N TYR A 129 -2.00 24.45 -7.49
CA TYR A 129 -1.16 23.48 -6.79
C TYR A 129 -0.73 23.97 -5.41
N GLY A 130 -1.38 25.00 -4.87
CA GLY A 130 -1.07 25.50 -3.55
C GLY A 130 -1.63 24.65 -2.43
N SER A 131 -2.09 25.27 -1.35
CA SER A 131 -2.64 24.56 -0.21
C SER A 131 -4.13 24.87 -0.10
N LEU A 132 -4.95 23.85 -0.34
CA LEU A 132 -6.39 23.93 -0.13
C LEU A 132 -6.69 24.07 1.36
N ASP A 133 -7.78 24.79 1.65
CA ASP A 133 -8.21 25.00 3.03
C ASP A 133 -8.28 23.67 3.78
N ALA A 134 -7.66 23.65 4.96
CA ALA A 134 -7.50 22.40 5.70
C ALA A 134 -8.85 21.80 6.10
N GLY A 135 -9.82 22.65 6.45
CA GLY A 135 -11.13 22.15 6.81
C GLY A 135 -11.81 21.45 5.66
N CYS A 136 -11.84 22.09 4.49
CA CYS A 136 -12.40 21.47 3.29
C CYS A 136 -11.69 20.16 2.98
N ARG A 137 -10.36 20.15 3.07
CA ARG A 137 -9.60 18.96 2.71
C ARG A 137 -9.92 17.79 3.63
N ARG A 138 -9.90 18.03 4.95
CA ARG A 138 -10.17 16.95 5.90
C ARG A 138 -11.62 16.49 5.80
N GLU A 139 -12.54 17.38 5.45
CA GLU A 139 -13.94 16.99 5.30
C GLU A 139 -14.11 16.10 4.07
N TYR A 140 -13.51 16.47 2.95
CA TYR A 140 -13.60 15.62 1.76
C TYR A 140 -12.88 14.30 2.00
N GLU A 141 -11.79 14.31 2.76
CA GLU A 141 -11.10 13.08 3.11
C GLU A 141 -12.00 12.19 3.97
N ALA A 142 -12.70 12.78 4.93
CA ALA A 142 -13.62 12.03 5.76
C ALA A 142 -14.73 11.40 4.93
N TYR A 143 -15.29 12.15 3.97
CA TYR A 143 -16.36 11.60 3.13
C TYR A 143 -15.86 10.43 2.30
N VAL A 144 -14.77 10.63 1.55
CA VAL A 144 -14.28 9.56 0.69
C VAL A 144 -13.78 8.37 1.50
N LYS A 145 -13.46 8.57 2.78
CA LYS A 145 -13.08 7.46 3.64
C LYS A 145 -14.31 6.71 4.12
N GLU A 146 -15.45 7.39 4.17
CA GLU A 146 -16.73 6.87 4.64
C GLU A 146 -17.56 6.24 3.52
N ILE A 147 -17.03 6.15 2.31
CA ILE A 147 -17.78 5.53 1.22
C ILE A 147 -17.77 4.02 1.40
N LYS A 148 -18.95 3.41 1.31
CA LYS A 148 -19.10 1.97 1.50
C LYS A 148 -18.65 1.25 0.23
N GLY A 149 -17.37 0.91 0.18
CA GLY A 149 -16.83 0.10 -0.90
C GLY A 149 -16.58 0.86 -2.19
N LYS A 150 -15.35 0.74 -2.71
CA LYS A 150 -14.95 1.33 -3.99
C LYS A 150 -15.19 2.84 -4.01
N LYS A 151 -14.23 3.61 -3.52
CA LYS A 151 -14.29 5.06 -3.56
C LYS A 151 -13.58 5.54 -4.82
N ASN A 152 -14.33 6.12 -5.75
CA ASN A 152 -13.78 6.57 -7.03
C ASN A 152 -13.71 8.09 -7.03
N SER A 153 -12.62 8.63 -6.49
CA SER A 153 -12.41 10.06 -6.43
C SER A 153 -11.45 10.46 -7.54
N THR A 154 -11.90 11.34 -8.43
CA THR A 154 -11.08 11.87 -9.50
C THR A 154 -11.19 13.39 -9.53
N SER A 155 -10.39 14.00 -10.39
CA SER A 155 -10.36 15.45 -10.53
C SER A 155 -10.81 15.82 -11.94
N PRO A 156 -11.99 16.43 -12.11
CA PRO A 156 -12.42 16.84 -13.46
C PRO A 156 -11.61 17.96 -14.07
N TYR A 157 -10.80 18.67 -13.28
CA TYR A 157 -10.09 19.85 -13.76
C TYR A 157 -8.71 19.47 -14.28
N SER A 158 -8.29 20.14 -15.35
CA SER A 158 -6.95 20.06 -15.88
C SER A 158 -6.47 21.47 -16.18
N ASP A 159 -5.14 21.63 -16.22
CA ASP A 159 -4.58 22.95 -16.49
C ASP A 159 -4.93 23.45 -17.88
N ASP A 160 -5.39 22.58 -18.76
CA ASP A 160 -5.82 22.93 -20.11
C ASP A 160 -7.28 23.36 -20.18
N CYS A 161 -7.96 23.50 -19.04
CA CYS A 161 -9.33 23.99 -19.01
C CYS A 161 -9.36 25.51 -18.97
N GLN A 162 -10.10 26.13 -19.88
CA GLN A 162 -10.29 27.58 -19.83
C GLN A 162 -11.76 27.90 -19.59
N GLU B 8 37.03 -25.93 14.82
CA GLU B 8 37.47 -25.86 13.43
C GLU B 8 36.40 -25.22 12.56
N SER B 9 36.79 -24.24 11.77
CA SER B 9 35.88 -23.57 10.85
C SER B 9 36.15 -24.01 9.42
N PHE B 10 35.10 -24.02 8.62
CA PHE B 10 35.15 -24.49 7.24
C PHE B 10 34.67 -23.36 6.33
N ALA B 11 35.52 -22.94 5.41
CA ALA B 11 35.20 -21.80 4.56
C ALA B 11 34.15 -22.20 3.53
N ILE B 12 33.06 -21.44 3.49
CA ILE B 12 31.98 -21.75 2.55
C ILE B 12 32.28 -21.27 1.14
N ASP B 13 33.18 -20.30 0.97
CA ASP B 13 33.57 -19.87 -0.37
C ASP B 13 34.52 -20.84 -1.04
N GLU B 14 35.21 -21.68 -0.26
CA GLU B 14 36.02 -22.73 -0.86
C GLU B 14 35.17 -23.92 -1.26
N PHE B 15 34.19 -24.28 -0.44
CA PHE B 15 33.32 -25.41 -0.76
C PHE B 15 32.52 -25.14 -2.02
N MET B 16 32.15 -23.89 -2.27
CA MET B 16 31.36 -23.53 -3.43
C MET B 16 32.22 -23.02 -4.58
N ASN B 17 33.54 -23.08 -4.45
CA ASN B 17 34.45 -22.62 -5.51
C ASN B 17 34.66 -23.76 -6.52
N THR B 18 33.60 -24.02 -7.29
CA THR B 18 33.63 -25.09 -8.26
C THR B 18 32.66 -24.77 -9.39
N THR B 19 32.97 -25.30 -10.58
CA THR B 19 32.07 -25.21 -11.71
C THR B 19 31.01 -26.32 -11.71
N ASP B 20 31.08 -27.24 -10.75
CA ASP B 20 30.12 -28.33 -10.67
C ASP B 20 28.86 -27.87 -9.94
N ASP B 21 27.75 -28.53 -10.25
CA ASP B 21 26.53 -28.31 -9.50
C ASP B 21 26.67 -28.88 -8.10
N ILE B 22 26.18 -28.14 -7.11
CA ILE B 22 26.19 -28.60 -5.72
C ILE B 22 24.77 -28.98 -5.38
N TRP B 23 24.51 -30.28 -5.31
CA TRP B 23 23.19 -30.83 -5.11
C TRP B 23 22.93 -31.10 -3.63
N VAL B 24 21.66 -30.96 -3.24
CA VAL B 24 21.21 -31.35 -1.90
C VAL B 24 20.93 -32.84 -1.94
N LEU B 25 21.87 -33.65 -1.46
CA LEU B 25 21.66 -35.10 -1.45
C LEU B 25 20.68 -35.50 -0.37
N ASN B 26 20.85 -34.96 0.84
CA ASN B 26 19.99 -35.27 1.97
C ASN B 26 19.66 -33.97 2.68
N THR B 27 18.52 -33.96 3.38
CA THR B 27 18.11 -32.78 4.13
C THR B 27 17.18 -33.21 5.25
N THR B 28 17.24 -32.47 6.36
CA THR B 28 16.33 -32.67 7.47
C THR B 28 15.14 -31.72 7.41
N GLN B 29 15.02 -30.94 6.35
CA GLN B 29 13.84 -30.11 6.16
C GLN B 29 12.63 -30.99 5.87
N GLN B 30 11.50 -30.63 6.49
CA GLN B 30 10.27 -31.37 6.25
C GLN B 30 9.67 -30.93 4.93
N ASN B 31 9.31 -31.91 4.11
CA ASN B 31 8.69 -31.68 2.80
C ASN B 31 9.52 -30.73 1.92
N PRO B 32 10.74 -31.09 1.58
CA PRO B 32 11.59 -30.20 0.78
C PRO B 32 11.23 -30.26 -0.70
N GLN B 33 11.68 -29.23 -1.41
CA GLN B 33 11.51 -29.19 -2.86
C GLN B 33 12.34 -30.29 -3.52
N ALA B 34 12.05 -30.54 -4.80
CA ALA B 34 12.72 -31.58 -5.56
C ALA B 34 13.86 -31.01 -6.39
N CYS B 35 14.92 -31.81 -6.52
CA CYS B 35 16.08 -31.51 -7.37
C CYS B 35 16.74 -30.19 -6.98
N LYS B 36 16.95 -30.00 -5.67
CA LYS B 36 17.57 -28.78 -5.17
C LYS B 36 19.07 -28.79 -5.43
N LYS B 37 19.58 -27.71 -6.03
CA LYS B 37 21.00 -27.60 -6.33
C LYS B 37 21.38 -26.13 -6.44
N ASP B 38 22.68 -25.87 -6.29
CA ASP B 38 23.26 -24.55 -6.49
C ASP B 38 24.35 -24.62 -7.56
N LYS B 39 24.45 -23.55 -8.34
CA LYS B 39 25.54 -23.37 -9.29
C LYS B 39 26.23 -22.06 -8.95
N LYS B 40 27.50 -22.14 -8.56
CA LYS B 40 28.26 -20.93 -8.26
C LYS B 40 28.42 -20.08 -9.52
N HIS B 41 28.22 -18.78 -9.36
CA HIS B 41 28.44 -17.84 -10.45
C HIS B 41 29.68 -16.98 -10.27
N ASN B 42 29.95 -16.52 -9.05
CA ASN B 42 31.16 -15.75 -8.78
C ASN B 42 31.35 -15.69 -7.27
N ILE B 43 32.61 -15.56 -6.86
CA ILE B 43 32.96 -15.43 -5.45
C ILE B 43 33.81 -14.20 -5.28
N THR B 44 33.37 -13.28 -4.44
CA THR B 44 34.10 -12.06 -4.12
C THR B 44 34.52 -12.08 -2.66
N GLU B 45 35.11 -10.97 -2.23
CA GLU B 45 35.51 -10.82 -0.83
C GLU B 45 34.31 -10.57 0.08
N ASN B 46 33.21 -10.06 -0.48
CA ASN B 46 32.02 -9.75 0.28
C ASN B 46 30.99 -10.87 0.28
N GLY B 47 30.98 -11.71 -0.74
CA GLY B 47 30.02 -12.80 -0.77
C GLY B 47 30.20 -13.65 -2.00
N ILE B 48 29.13 -14.36 -2.34
CA ILE B 48 29.14 -15.30 -3.46
C ILE B 48 27.80 -15.18 -4.20
N TYR B 49 27.86 -14.95 -5.50
CA TYR B 49 26.68 -14.94 -6.35
C TYR B 49 26.51 -16.34 -6.93
N PHE B 50 25.32 -16.90 -6.78
CA PHE B 50 25.06 -18.26 -7.23
C PHE B 50 23.62 -18.35 -7.71
N PHE B 51 23.29 -19.49 -8.33
CA PHE B 51 21.97 -19.75 -8.86
C PHE B 51 21.37 -20.93 -8.11
N ARG B 52 20.25 -20.69 -7.44
CA ARG B 52 19.56 -21.73 -6.68
C ARG B 52 18.35 -22.21 -7.47
N SER B 53 18.26 -23.52 -7.68
CA SER B 53 17.25 -24.12 -8.52
C SER B 53 16.51 -25.21 -7.77
N HIS B 54 15.31 -25.51 -8.27
CA HIS B 54 14.51 -26.64 -7.85
C HIS B 54 13.56 -26.95 -8.98
N LYS B 55 12.86 -28.09 -8.89
CA LYS B 55 11.92 -28.50 -9.92
C LYS B 55 10.52 -28.62 -9.33
N GLU B 56 9.54 -28.07 -10.05
CA GLU B 56 8.13 -28.15 -9.69
C GLU B 56 7.36 -28.60 -10.92
N ASN B 57 6.76 -29.77 -10.86
CA ASN B 57 5.88 -30.29 -11.92
C ASN B 57 6.58 -30.26 -13.27
N GLY B 58 7.83 -30.73 -13.30
CA GLY B 58 8.60 -30.77 -14.52
C GLY B 58 9.33 -29.50 -14.87
N GLN B 59 8.97 -28.37 -14.27
CA GLN B 59 9.56 -27.08 -14.60
C GLN B 59 10.69 -26.75 -13.63
N ILE B 60 11.80 -26.25 -14.18
CA ILE B 60 12.94 -25.84 -13.37
C ILE B 60 12.75 -24.38 -12.98
N LYS B 61 12.69 -24.11 -11.68
CA LYS B 61 12.66 -22.74 -11.18
C LYS B 61 14.04 -22.38 -10.68
N THR B 62 14.56 -21.25 -11.14
CA THR B 62 15.88 -20.79 -10.77
C THR B 62 15.81 -19.34 -10.33
N GLN B 63 16.63 -18.99 -9.34
CA GLN B 63 16.74 -17.61 -8.89
C GLN B 63 18.19 -17.29 -8.59
N THR B 64 18.59 -16.06 -8.90
CA THR B 64 19.94 -15.59 -8.64
C THR B 64 20.01 -15.01 -7.23
N LEU B 65 20.92 -15.55 -6.43
CA LEU B 65 21.06 -15.14 -5.04
C LEU B 65 22.49 -14.67 -4.78
N PHE B 66 22.62 -13.76 -3.81
CA PHE B 66 23.92 -13.30 -3.33
C PHE B 66 24.00 -13.61 -1.84
N GLY B 67 24.89 -14.53 -1.47
CA GLY B 67 25.15 -14.79 -0.08
C GLY B 67 26.31 -13.96 0.43
N GLU B 68 26.05 -12.99 1.30
CA GLU B 68 27.08 -12.09 1.79
C GLU B 68 27.73 -12.69 3.03
N PHE B 69 29.07 -12.71 3.04
CA PHE B 69 29.80 -13.25 4.17
C PHE B 69 29.55 -12.40 5.40
N ILE B 70 29.12 -13.03 6.49
CA ILE B 70 28.84 -12.35 7.74
C ILE B 70 29.58 -13.02 8.88
N HIS B 71 29.97 -12.22 9.87
CA HIS B 71 30.67 -12.70 11.05
C HIS B 71 30.10 -12.00 12.27
N PHE B 72 29.99 -12.74 13.38
CA PHE B 72 29.42 -12.20 14.60
C PHE B 72 30.44 -11.44 15.44
N SER B 73 31.68 -11.32 14.97
CA SER B 73 32.68 -10.49 15.62
C SER B 73 33.64 -9.96 14.56
N GLU B 74 34.63 -9.20 15.01
CA GLU B 74 35.69 -8.74 14.13
C GLU B 74 36.86 -9.70 14.09
N GLU B 75 36.90 -10.68 14.98
CA GLU B 75 37.98 -11.67 15.02
C GLU B 75 37.69 -12.86 14.12
N GLU B 76 36.48 -12.98 13.58
CA GLU B 76 36.14 -14.07 12.67
C GLU B 76 36.62 -13.69 11.27
N LYS B 77 37.46 -14.54 10.69
CA LYS B 77 38.05 -14.29 9.37
C LYS B 77 37.76 -15.38 8.36
N VAL B 78 37.12 -16.48 8.76
CA VAL B 78 36.76 -17.57 7.87
C VAL B 78 35.35 -17.33 7.35
N ASN B 79 35.17 -17.39 6.03
CA ASN B 79 33.85 -17.21 5.43
C ASN B 79 33.10 -18.54 5.51
N ASN B 80 32.53 -18.78 6.70
CA ASN B 80 31.81 -20.01 6.95
C ASN B 80 30.30 -19.79 7.05
N ARG B 81 29.84 -18.56 6.86
CA ARG B 81 28.43 -18.23 7.04
C ARG B 81 28.05 -17.12 6.07
N ILE B 82 26.90 -17.27 5.43
CA ILE B 82 26.40 -16.31 4.46
C ILE B 82 25.00 -15.88 4.83
N SER B 83 24.69 -14.62 4.61
CA SER B 83 23.33 -14.10 4.70
C SER B 83 22.75 -13.94 3.31
N ILE B 84 21.49 -14.35 3.14
CA ILE B 84 20.82 -14.32 1.85
C ILE B 84 19.55 -13.50 1.98
N SER B 85 19.32 -12.61 1.02
CA SER B 85 18.16 -11.73 1.00
C SER B 85 17.25 -12.10 -0.15
N ASP B 86 15.94 -11.93 0.06
CA ASP B 86 14.93 -12.16 -0.96
C ASP B 86 14.92 -13.61 -1.44
N GLU B 87 15.25 -14.55 -0.56
CA GLU B 87 15.16 -15.96 -0.89
C GLU B 87 13.70 -16.39 -0.82
N SER B 88 13.25 -17.12 -1.85
CA SER B 88 11.81 -17.37 -2.00
C SER B 88 11.24 -18.22 -0.88
N SER B 89 12.04 -19.11 -0.30
CA SER B 89 11.59 -19.94 0.80
C SER B 89 11.85 -19.32 2.16
N GLY B 90 12.22 -18.04 2.19
CA GLY B 90 12.53 -17.37 3.44
C GLY B 90 13.86 -17.74 4.06
N VAL B 91 14.74 -18.42 3.34
CA VAL B 91 16.05 -18.74 3.87
C VAL B 91 16.86 -17.45 3.98
N HIS B 92 17.34 -17.14 5.18
CA HIS B 92 18.12 -15.93 5.38
C HIS B 92 19.57 -16.18 5.76
N ALA B 93 19.92 -17.37 6.23
CA ALA B 93 21.30 -17.63 6.63
C ALA B 93 21.65 -19.08 6.36
N GLU B 94 22.92 -19.31 6.02
CA GLU B 94 23.47 -20.63 5.83
C GLU B 94 24.86 -20.68 6.45
N HIS B 95 25.15 -21.77 7.15
CA HIS B 95 26.37 -21.93 7.93
C HIS B 95 26.98 -23.28 7.60
N LEU B 96 28.21 -23.27 7.10
CA LEU B 96 28.89 -24.50 6.71
C LEU B 96 29.46 -25.18 7.95
N TYR B 97 28.75 -26.21 8.42
CA TYR B 97 29.18 -26.99 9.57
C TYR B 97 30.50 -27.70 9.31
N TYR B 98 30.64 -28.30 8.14
CA TYR B 98 31.64 -29.33 7.88
C TYR B 98 31.79 -29.51 6.38
N SER B 99 33.01 -29.88 5.97
CA SER B 99 33.27 -30.23 4.59
C SER B 99 34.47 -31.16 4.55
N SER B 100 34.44 -32.10 3.62
CA SER B 100 35.57 -32.98 3.42
C SER B 100 36.78 -32.17 2.91
N GLU B 101 37.97 -32.75 3.09
CA GLU B 101 39.18 -32.02 2.72
C GLU B 101 39.23 -31.75 1.21
N ASP B 102 38.68 -32.64 0.39
CA ASP B 102 38.60 -32.40 -1.04
C ASP B 102 37.40 -31.56 -1.43
N LYS B 103 36.62 -31.08 -0.47
CA LYS B 103 35.51 -30.16 -0.69
C LYS B 103 34.38 -30.78 -1.52
N LYS B 104 34.33 -32.11 -1.60
CA LYS B 104 33.33 -32.77 -2.43
C LYS B 104 32.02 -33.04 -1.70
N CYS B 105 31.99 -32.89 -0.38
CA CYS B 105 30.75 -32.98 0.37
C CYS B 105 30.82 -31.99 1.53
N GLY B 106 29.65 -31.50 1.94
CA GLY B 106 29.60 -30.54 3.01
C GLY B 106 28.26 -30.59 3.71
N LEU B 107 28.25 -30.10 4.95
CA LEU B 107 27.04 -30.00 5.75
C LEU B 107 26.74 -28.52 5.98
N VAL B 108 25.53 -28.11 5.60
CA VAL B 108 25.14 -26.71 5.66
C VAL B 108 23.91 -26.62 6.56
N GLN B 109 24.01 -25.79 7.60
CA GLN B 109 22.87 -25.48 8.44
C GLN B 109 22.13 -24.30 7.85
N VAL B 110 20.83 -24.47 7.62
CA VAL B 110 20.02 -23.50 6.92
C VAL B 110 19.05 -22.88 7.91
N PHE B 111 19.06 -21.54 7.98
CA PHE B 111 18.16 -20.77 8.83
C PHE B 111 17.18 -20.04 7.92
N ALA B 112 15.89 -20.24 8.15
CA ALA B 112 14.86 -19.59 7.36
C ALA B 112 14.06 -18.64 8.24
N LYS B 113 13.39 -17.68 7.60
CA LYS B 113 12.68 -16.64 8.33
C LYS B 113 11.60 -17.22 9.23
N ASP B 114 10.91 -18.27 8.76
CA ASP B 114 9.81 -18.88 9.50
C ASP B 114 10.25 -19.66 10.76
N GLN B 115 11.51 -19.50 11.16
CA GLN B 115 12.12 -20.14 12.31
C GLN B 115 12.30 -21.64 12.14
N ASN B 116 12.30 -22.13 10.90
CA ASN B 116 12.72 -23.48 10.61
C ASN B 116 14.23 -23.49 10.38
N VAL B 117 14.93 -24.38 11.08
CA VAL B 117 16.36 -24.57 10.92
C VAL B 117 16.61 -26.05 10.69
N TRP B 118 17.37 -26.37 9.65
CA TRP B 118 17.65 -27.76 9.29
C TRP B 118 19.08 -27.88 8.80
N THR B 119 19.45 -29.10 8.42
CA THR B 119 20.80 -29.40 7.95
C THR B 119 20.71 -30.11 6.61
N GLU B 120 21.53 -29.68 5.66
CA GLU B 120 21.58 -30.28 4.33
C GLU B 120 22.96 -30.87 4.08
N LEU B 121 22.98 -32.09 3.54
CA LEU B 121 24.20 -32.71 3.04
C LEU B 121 24.30 -32.42 1.55
N ARG B 122 25.25 -31.58 1.17
CA ARG B 122 25.42 -31.17 -0.22
C ARG B 122 26.69 -31.79 -0.81
N VAL B 123 26.65 -32.06 -2.11
CA VAL B 123 27.76 -32.70 -2.81
C VAL B 123 27.96 -32.04 -4.17
N ARG B 124 29.22 -31.98 -4.59
CA ARG B 124 29.55 -31.50 -5.93
C ARG B 124 29.18 -32.57 -6.95
N GLY B 125 28.58 -32.16 -8.06
CA GLY B 125 28.15 -33.10 -9.08
C GLY B 125 26.95 -33.91 -8.64
N HIS B 126 26.27 -34.54 -9.59
CA HIS B 126 25.06 -35.28 -9.27
C HIS B 126 25.38 -36.46 -8.36
N PRO B 127 24.53 -36.78 -7.39
CA PRO B 127 24.83 -37.87 -6.46
C PRO B 127 24.87 -39.21 -7.17
N ASN B 128 25.80 -40.06 -6.73
CA ASN B 128 25.94 -41.41 -7.25
C ASN B 128 25.69 -42.44 -6.16
N TYR B 129 25.46 -43.67 -6.58
CA TYR B 129 25.22 -44.78 -5.65
C TYR B 129 26.51 -45.36 -5.10
N GLY B 130 27.65 -44.74 -5.38
CA GLY B 130 28.92 -45.18 -4.85
C GLY B 130 29.06 -44.94 -3.36
N SER B 131 30.27 -44.64 -2.91
CA SER B 131 30.56 -44.44 -1.50
C SER B 131 30.77 -42.95 -1.24
N LEU B 132 29.91 -42.39 -0.39
CA LEU B 132 30.10 -41.03 0.09
C LEU B 132 31.22 -40.99 1.11
N ASP B 133 31.98 -39.90 1.12
CA ASP B 133 33.09 -39.75 2.06
C ASP B 133 32.58 -39.98 3.49
N ALA B 134 33.31 -40.83 4.22
CA ALA B 134 32.82 -41.33 5.51
C ALA B 134 32.61 -40.22 6.53
N GLY B 135 33.47 -39.19 6.52
CA GLY B 135 33.31 -38.11 7.48
C GLY B 135 32.00 -37.39 7.33
N CYS B 136 31.65 -37.02 6.09
CA CYS B 136 30.35 -36.38 5.84
C CYS B 136 29.20 -37.28 6.26
N ARG B 137 29.33 -38.59 6.00
CA ARG B 137 28.28 -39.53 6.37
C ARG B 137 28.05 -39.55 7.87
N ARG B 138 29.12 -39.74 8.65
CA ARG B 138 28.97 -39.77 10.10
C ARG B 138 28.45 -38.44 10.63
N GLU B 139 28.97 -37.34 10.10
CA GLU B 139 28.59 -36.02 10.59
C GLU B 139 27.11 -35.77 10.35
N TYR B 140 26.63 -36.09 9.14
CA TYR B 140 25.20 -35.95 8.84
C TYR B 140 24.36 -36.91 9.65
N GLU B 141 24.86 -38.13 9.90
CA GLU B 141 24.12 -39.07 10.73
C GLU B 141 23.96 -38.55 12.15
N ALA B 142 25.00 -37.95 12.70
CA ALA B 142 24.90 -37.34 14.02
C ALA B 142 23.87 -36.22 14.03
N TYR B 143 23.82 -35.42 12.97
CA TYR B 143 22.91 -34.27 12.95
C TYR B 143 21.46 -34.72 12.81
N VAL B 144 21.18 -35.69 11.94
CA VAL B 144 19.82 -36.23 11.87
C VAL B 144 19.47 -36.99 13.13
N LYS B 145 20.47 -37.41 13.90
CA LYS B 145 20.27 -38.08 15.17
C LYS B 145 19.95 -37.08 16.27
N GLU B 146 20.35 -35.81 16.09
CA GLU B 146 20.18 -34.74 17.05
C GLU B 146 18.83 -34.04 16.93
N ILE B 147 17.87 -34.65 16.23
CA ILE B 147 16.54 -34.08 16.10
C ILE B 147 15.67 -34.59 17.24
N ASN B 152 14.77 -36.67 10.70
CA ASN B 152 13.98 -37.21 9.60
C ASN B 152 14.61 -36.79 8.26
N SER B 153 15.32 -37.74 7.65
CA SER B 153 16.08 -37.51 6.42
C SER B 153 15.35 -38.00 5.18
N THR B 154 15.24 -37.13 4.18
CA THR B 154 14.71 -37.49 2.87
C THR B 154 15.73 -37.06 1.82
N SER B 155 15.50 -37.48 0.59
CA SER B 155 16.43 -37.19 -0.51
C SER B 155 15.73 -36.36 -1.58
N PRO B 156 16.08 -35.08 -1.74
CA PRO B 156 15.46 -34.30 -2.82
C PRO B 156 15.88 -34.73 -4.21
N TYR B 157 16.96 -35.49 -4.32
CA TYR B 157 17.53 -35.82 -5.62
C TYR B 157 16.95 -37.12 -6.16
N SER B 158 16.73 -37.14 -7.47
CA SER B 158 16.38 -38.35 -8.20
C SER B 158 17.21 -38.37 -9.47
N ASP B 159 17.37 -39.56 -10.04
CA ASP B 159 18.17 -39.68 -11.25
C ASP B 159 17.55 -38.93 -12.42
N ASP B 160 16.28 -38.55 -12.33
CA ASP B 160 15.62 -37.75 -13.35
C ASP B 160 15.85 -36.25 -13.13
N CYS B 161 16.70 -35.86 -12.18
CA CYS B 161 17.05 -34.46 -12.01
C CYS B 161 18.22 -34.13 -12.93
N GLN B 162 18.06 -33.09 -13.75
CA GLN B 162 19.13 -32.66 -14.63
C GLN B 162 19.60 -31.25 -14.31
N GLU C 8 -18.16 -2.42 35.17
CA GLU C 8 -18.91 -1.47 34.36
C GLU C 8 -18.16 -1.17 33.08
N SER C 9 -18.84 -1.29 31.94
CA SER C 9 -18.27 -0.91 30.66
C SER C 9 -18.72 0.49 30.28
N PHE C 10 -17.87 1.21 29.56
CA PHE C 10 -18.13 2.58 29.17
C PHE C 10 -17.99 2.71 27.67
N ALA C 11 -19.06 3.11 27.00
CA ALA C 11 -19.07 3.16 25.54
C ALA C 11 -18.27 4.34 25.03
N ILE C 12 -17.32 4.06 24.14
CA ILE C 12 -16.49 5.13 23.57
C ILE C 12 -17.22 5.86 22.45
N ASP C 13 -18.24 5.25 21.83
CA ASP C 13 -19.04 5.95 20.84
C ASP C 13 -20.04 6.90 21.47
N GLU C 14 -20.40 6.70 22.74
CA GLU C 14 -21.22 7.68 23.44
C GLU C 14 -20.38 8.83 23.97
N PHE C 15 -19.20 8.54 24.50
CA PHE C 15 -18.33 9.59 25.02
C PHE C 15 -17.88 10.54 23.93
N MET C 16 -17.71 10.06 22.70
CA MET C 16 -17.29 10.88 21.57
C MET C 16 -18.44 11.33 20.70
N ASN C 17 -19.69 11.09 21.12
CA ASN C 17 -20.86 11.50 20.35
C ASN C 17 -21.19 12.97 20.68
N THR C 18 -20.32 13.85 20.20
CA THR C 18 -20.47 15.28 20.44
C THR C 18 -19.79 16.05 19.32
N THR C 19 -20.31 17.26 19.07
CA THR C 19 -19.69 18.19 18.14
C THR C 19 -18.58 19.01 18.78
N ASP C 20 -18.33 18.83 20.08
CA ASP C 20 -17.30 19.58 20.76
C ASP C 20 -15.94 18.90 20.56
N ASP C 21 -14.89 19.70 20.67
CA ASP C 21 -13.54 19.15 20.65
C ASP C 21 -13.28 18.35 21.93
N ILE C 22 -12.62 17.20 21.78
CA ILE C 22 -12.24 16.37 22.91
C ILE C 22 -10.75 16.53 23.11
N TRP C 23 -10.37 17.27 24.14
CA TRP C 23 -8.98 17.59 24.39
C TRP C 23 -8.36 16.60 25.37
N VAL C 24 -7.07 16.34 25.19
CA VAL C 24 -6.29 15.55 26.14
C VAL C 24 -5.87 16.50 27.26
N LEU C 25 -6.57 16.44 28.39
CA LEU C 25 -6.22 17.30 29.51
C LEU C 25 -4.97 16.81 30.20
N ASN C 26 -4.90 15.52 30.50
CA ASN C 26 -3.76 14.94 31.18
C ASN C 26 -3.39 13.63 30.52
N THR C 27 -2.11 13.27 30.63
CA THR C 27 -1.64 12.02 30.05
C THR C 27 -0.40 11.58 30.79
N THR C 28 -0.23 10.26 30.90
CA THR C 28 0.96 9.66 31.48
C THR C 28 1.98 9.24 30.43
N GLN C 29 1.73 9.59 29.16
CA GLN C 29 2.72 9.37 28.12
C GLN C 29 3.94 10.25 28.36
N GLN C 30 5.13 9.67 28.18
CA GLN C 30 6.36 10.43 28.33
C GLN C 30 6.60 11.23 27.05
N ASN C 31 6.89 12.52 27.23
CA ASN C 31 7.12 13.45 26.13
C ASN C 31 5.97 13.44 25.13
N PRO C 32 4.77 13.80 25.55
CA PRO C 32 3.62 13.79 24.64
C PRO C 32 3.59 15.03 23.76
N GLN C 33 2.83 14.93 22.67
CA GLN C 33 2.63 16.06 21.78
C GLN C 33 1.79 17.13 22.46
N ALA C 34 1.79 18.32 21.89
CA ALA C 34 1.08 19.46 22.43
C ALA C 34 -0.26 19.67 21.72
N CYS C 35 -1.25 20.14 22.48
CA CYS C 35 -2.58 20.48 21.96
C CYS C 35 -3.24 19.30 21.27
N LYS C 36 -3.18 18.14 21.92
CA LYS C 36 -3.80 16.93 21.39
C LYS C 36 -5.31 16.99 21.55
N LYS C 37 -6.03 16.76 20.45
CA LYS C 37 -7.49 16.79 20.50
C LYS C 37 -8.05 15.95 19.36
N ASP C 38 -9.30 15.51 19.55
CA ASP C 38 -10.07 14.78 18.54
C ASP C 38 -11.36 15.52 18.27
N LYS C 39 -11.79 15.53 17.02
CA LYS C 39 -13.10 16.03 16.62
C LYS C 39 -13.81 14.93 15.84
N LYS C 40 -14.93 14.47 16.39
CA LYS C 40 -15.74 13.45 15.72
C LYS C 40 -16.33 13.99 14.42
N HIS C 41 -16.26 13.16 13.38
CA HIS C 41 -16.91 13.47 12.11
C HIS C 41 -18.18 12.66 11.86
N ASN C 42 -18.17 11.38 12.20
CA ASN C 42 -19.35 10.55 12.04
C ASN C 42 -19.18 9.30 12.88
N ILE C 43 -20.30 8.73 13.31
CA ILE C 43 -20.31 7.50 14.09
C ILE C 43 -21.26 6.52 13.40
N THR C 44 -20.74 5.34 13.08
CA THR C 44 -21.54 4.27 12.51
C THR C 44 -21.61 3.12 13.52
N GLU C 45 -22.25 2.03 13.11
CA GLU C 45 -22.30 0.85 13.96
C GLU C 45 -20.98 0.11 14.00
N ASN C 46 -20.12 0.32 13.01
CA ASN C 46 -18.84 -0.37 12.93
C ASN C 46 -17.69 0.41 13.55
N GLY C 47 -17.78 1.73 13.61
CA GLY C 47 -16.72 2.52 14.19
C GLY C 47 -17.05 3.99 14.19
N ILE C 48 -16.00 4.81 14.27
CA ILE C 48 -16.14 6.26 14.37
C ILE C 48 -15.05 6.93 13.53
N TYR C 49 -15.46 7.82 12.64
CA TYR C 49 -14.53 8.64 11.88
C TYR C 49 -14.34 9.97 12.60
N PHE C 50 -13.09 10.33 12.88
CA PHE C 50 -12.81 11.54 13.63
C PHE C 50 -11.50 12.15 13.14
N PHE C 51 -11.20 13.35 13.64
CA PHE C 51 -10.00 14.10 13.26
C PHE C 51 -9.11 14.26 14.48
N ARG C 52 -7.89 13.73 14.41
CA ARG C 52 -6.93 13.82 15.51
C ARG C 52 -5.87 14.86 15.19
N SER C 53 -5.69 15.82 16.11
CA SER C 53 -4.82 16.96 15.88
C SER C 53 -3.83 17.16 17.02
N HIS C 54 -2.76 17.90 16.72
CA HIS C 54 -1.82 18.40 17.72
C HIS C 54 -1.12 19.61 17.10
N LYS C 55 -0.35 20.33 17.91
CA LYS C 55 0.34 21.53 17.44
C LYS C 55 1.85 21.37 17.51
N GLU C 56 2.51 21.75 16.42
CA GLU C 56 3.98 21.82 16.35
C GLU C 56 4.36 23.22 15.86
N ASN C 57 5.09 23.97 16.69
CA ASN C 57 5.67 25.27 16.37
C ASN C 57 4.67 26.19 15.67
N GLY C 58 3.54 26.38 16.33
CA GLY C 58 2.47 27.24 15.85
C GLY C 58 1.50 26.59 14.89
N GLN C 59 1.87 25.48 14.30
CA GLN C 59 1.10 24.87 13.23
C GLN C 59 0.45 23.58 13.66
N ILE C 60 -0.77 23.38 13.16
CA ILE C 60 -1.63 22.30 13.58
C ILE C 60 -1.47 21.17 12.59
N LYS C 61 -1.10 19.99 13.08
CA LYS C 61 -1.06 18.79 12.28
C LYS C 61 -2.31 17.97 12.59
N THR C 62 -3.02 17.55 11.55
CA THR C 62 -4.27 16.84 11.68
C THR C 62 -4.26 15.60 10.80
N GLN C 63 -4.93 14.56 11.27
CA GLN C 63 -5.10 13.32 10.52
C GLN C 63 -6.53 12.82 10.65
N THR C 64 -7.06 12.30 9.54
CA THR C 64 -8.40 11.71 9.51
C THR C 64 -8.27 10.22 9.83
N LEU C 65 -8.91 9.79 10.91
CA LEU C 65 -8.80 8.42 11.37
C LEU C 65 -10.17 7.78 11.51
N PHE C 66 -10.21 6.46 11.39
CA PHE C 66 -11.39 5.65 11.64
C PHE C 66 -11.05 4.65 12.73
N GLY C 67 -11.69 4.79 13.89
CA GLY C 67 -11.52 3.81 14.94
C GLY C 67 -12.58 2.72 14.84
N GLU C 68 -12.16 1.51 14.49
CA GLU C 68 -13.10 0.41 14.29
C GLU C 68 -13.35 -0.29 15.62
N PHE C 69 -14.62 -0.46 15.97
CA PHE C 69 -14.99 -1.14 17.20
C PHE C 69 -14.57 -2.60 17.14
N ILE C 70 -13.83 -3.04 18.15
CA ILE C 70 -13.34 -4.41 18.21
C ILE C 70 -13.77 -5.02 19.54
N HIS C 71 -14.00 -6.34 19.51
CA HIS C 71 -14.41 -7.09 20.68
C HIS C 71 -13.63 -8.40 20.71
N PHE C 72 -13.20 -8.80 21.90
CA PHE C 72 -12.41 -10.01 22.07
C PHE C 72 -13.26 -11.26 22.22
N SER C 73 -14.58 -11.14 22.14
CA SER C 73 -15.48 -12.27 22.12
C SER C 73 -16.72 -11.89 21.32
N GLU C 74 -17.66 -12.83 21.22
CA GLU C 74 -18.93 -12.55 20.57
C GLU C 74 -19.98 -12.02 21.55
N GLU C 75 -19.71 -12.09 22.85
CA GLU C 75 -20.64 -11.59 23.86
C GLU C 75 -20.43 -10.12 24.20
N GLU C 76 -19.36 -9.50 23.69
CA GLU C 76 -19.13 -8.08 23.93
C GLU C 76 -19.95 -7.27 22.94
N LYS C 77 -20.88 -6.47 23.47
CA LYS C 77 -21.68 -5.57 22.67
C LYS C 77 -21.44 -4.10 22.99
N VAL C 78 -20.76 -3.80 24.10
CA VAL C 78 -20.41 -2.42 24.42
C VAL C 78 -19.20 -2.01 23.59
N ASN C 79 -19.33 -0.88 22.89
CA ASN C 79 -18.25 -0.35 22.07
C ASN C 79 -17.32 0.46 22.97
N ASN C 80 -16.46 -0.25 23.69
CA ASN C 80 -15.53 0.36 24.63
C ASN C 80 -14.08 0.32 24.16
N ARG C 81 -13.82 -0.20 22.96
CA ARG C 81 -12.47 -0.40 22.47
C ARG C 81 -12.46 -0.22 20.96
N ILE C 82 -11.45 0.51 20.46
CA ILE C 82 -11.33 0.76 19.03
C ILE C 82 -9.93 0.38 18.58
N SER C 83 -9.85 -0.13 17.35
CA SER C 83 -8.58 -0.34 16.67
C SER C 83 -8.38 0.78 15.65
N ILE C 84 -7.16 1.31 15.59
CA ILE C 84 -6.84 2.44 14.73
C ILE C 84 -5.70 2.01 13.82
N SER C 85 -5.82 2.33 12.53
CA SER C 85 -4.82 1.96 11.55
C SER C 85 -4.14 3.21 11.01
N ASP C 86 -2.84 3.09 10.75
CA ASP C 86 -2.03 4.14 10.14
C ASP C 86 -2.03 5.43 10.97
N GLU C 87 -2.08 5.29 12.29
CA GLU C 87 -1.98 6.44 13.17
C GLU C 87 -0.52 6.90 13.26
N SER C 88 -0.32 8.22 13.18
CA SER C 88 1.03 8.76 13.00
C SER C 88 1.94 8.48 14.19
N SER C 89 1.39 8.38 15.40
CA SER C 89 2.18 8.08 16.58
C SER C 89 2.29 6.59 16.85
N GLY C 90 1.88 5.74 15.91
CA GLY C 90 1.90 4.31 16.11
C GLY C 90 0.84 3.79 17.03
N VAL C 91 -0.15 4.60 17.40
CA VAL C 91 -1.24 4.16 18.25
C VAL C 91 -2.12 3.18 17.48
N HIS C 92 -2.30 1.97 18.04
CA HIS C 92 -3.09 0.95 17.37
C HIS C 92 -4.38 0.60 18.10
N ALA C 93 -4.50 0.89 19.39
CA ALA C 93 -5.71 0.54 20.13
C ALA C 93 -5.97 1.55 21.23
N GLU C 94 -7.25 1.79 21.49
CA GLU C 94 -7.70 2.65 22.57
C GLU C 94 -8.89 2.00 23.26
N HIS C 95 -8.89 2.06 24.59
CA HIS C 95 -9.91 1.40 25.41
C HIS C 95 -10.43 2.39 26.43
N LEU C 96 -11.72 2.70 26.34
CA LEU C 96 -12.37 3.59 27.30
C LEU C 96 -12.80 2.77 28.52
N TYR C 97 -12.15 2.99 29.66
CA TYR C 97 -12.46 2.23 30.87
C TYR C 97 -13.13 3.07 31.95
N TYR C 98 -13.40 4.35 31.71
CA TYR C 98 -14.20 5.14 32.62
C TYR C 98 -14.64 6.42 31.92
N SER C 99 -15.84 6.89 32.27
CA SER C 99 -16.35 8.16 31.78
C SER C 99 -17.40 8.68 32.75
N SER C 100 -17.44 10.00 32.90
CA SER C 100 -18.45 10.63 33.73
C SER C 100 -19.84 10.46 33.15
N GLU C 101 -20.86 10.62 34.00
CA GLU C 101 -22.24 10.40 33.57
C GLU C 101 -22.65 11.39 32.50
N ASP C 102 -22.14 12.62 32.56
CA ASP C 102 -22.44 13.61 31.54
C ASP C 102 -21.55 13.50 30.31
N LYS C 103 -20.66 12.50 30.29
CA LYS C 103 -19.81 12.20 29.14
C LYS C 103 -18.86 13.36 28.81
N LYS C 104 -18.62 14.25 29.77
CA LYS C 104 -17.76 15.40 29.54
C LYS C 104 -16.30 15.12 29.89
N CYS C 105 -16.02 14.02 30.58
CA CYS C 105 -14.64 13.60 30.80
C CYS C 105 -14.59 12.08 30.77
N GLY C 106 -13.45 11.55 30.36
CA GLY C 106 -13.28 10.11 30.22
C GLY C 106 -11.82 9.72 30.36
N LEU C 107 -11.61 8.45 30.66
CA LEU C 107 -10.27 7.89 30.80
C LEU C 107 -10.06 6.86 29.69
N VAL C 108 -9.02 7.07 28.89
CA VAL C 108 -8.74 6.24 27.72
C VAL C 108 -7.35 5.64 27.90
N GLN C 109 -7.27 4.32 27.83
CA GLN C 109 -5.99 3.62 27.82
C GLN C 109 -5.52 3.47 26.37
N VAL C 110 -4.30 3.92 26.09
CA VAL C 110 -3.78 4.00 24.73
C VAL C 110 -2.66 2.99 24.57
N PHE C 111 -2.77 2.14 23.55
CA PHE C 111 -1.75 1.16 23.18
C PHE C 111 -1.13 1.55 21.85
N ALA C 112 0.20 1.67 21.83
CA ALA C 112 0.92 2.02 20.62
C ALA C 112 1.82 0.87 20.21
N LYS C 113 2.23 0.89 18.93
CA LYS C 113 2.98 -0.23 18.36
C LYS C 113 4.31 -0.44 19.06
N ASP C 114 4.94 0.64 19.52
CA ASP C 114 6.24 0.50 20.18
C ASP C 114 6.13 -0.04 21.60
N GLN C 115 4.97 -0.61 21.93
CA GLN C 115 4.66 -1.27 23.19
C GLN C 115 4.61 -0.30 24.37
N ASN C 116 4.58 1.00 24.10
CA ASN C 116 4.27 1.98 25.13
C ASN C 116 2.76 1.96 25.39
N VAL C 117 2.38 1.89 26.66
CA VAL C 117 0.98 1.92 27.07
C VAL C 117 0.83 3.01 28.12
N TRP C 118 -0.14 3.91 27.92
CA TRP C 118 -0.36 5.00 28.85
C TRP C 118 -1.86 5.28 28.98
N THR C 119 -2.18 6.30 29.76
CA THR C 119 -3.55 6.70 30.03
C THR C 119 -3.73 8.19 29.74
N GLU C 120 -4.83 8.52 29.07
CA GLU C 120 -5.19 9.90 28.78
C GLU C 120 -6.49 10.25 29.47
N LEU C 121 -6.53 11.41 30.13
CA LEU C 121 -7.75 11.99 30.64
C LEU C 121 -8.25 13.00 29.60
N ARG C 122 -9.36 12.67 28.94
CA ARG C 122 -9.90 13.50 27.88
C ARG C 122 -11.19 14.19 28.36
N VAL C 123 -11.45 15.37 27.81
CA VAL C 123 -12.60 16.17 28.20
C VAL C 123 -13.24 16.80 26.98
N ARG C 124 -14.56 16.94 27.03
CA ARG C 124 -15.27 17.71 26.01
C ARG C 124 -15.04 19.19 26.23
N GLY C 125 -14.80 19.92 25.15
CA GLY C 125 -14.52 21.33 25.23
C GLY C 125 -13.15 21.61 25.81
N HIS C 126 -12.60 22.80 25.54
CA HIS C 126 -11.25 23.11 25.99
C HIS C 126 -11.17 23.07 27.52
N PRO C 127 -10.03 22.64 28.07
CA PRO C 127 -9.92 22.57 29.53
C PRO C 127 -9.99 23.96 30.16
N ASN C 128 -10.68 24.02 31.29
CA ASN C 128 -10.82 25.25 32.07
C ASN C 128 -10.20 25.08 33.45
N TYR C 129 -9.96 26.21 34.11
CA TYR C 129 -9.41 26.21 35.46
C TYR C 129 -10.49 26.00 36.52
N GLY C 130 -11.67 25.52 36.13
CA GLY C 130 -12.74 25.23 37.06
C GLY C 130 -12.54 23.93 37.80
N SER C 131 -13.63 23.22 38.06
CA SER C 131 -13.60 21.98 38.84
C SER C 131 -13.89 20.80 37.92
N LEU C 132 -13.00 19.82 37.94
CA LEU C 132 -13.15 18.59 37.18
C LEU C 132 -14.00 17.58 37.94
N ASP C 133 -14.76 16.79 37.19
CA ASP C 133 -15.60 15.75 37.77
C ASP C 133 -14.81 14.87 38.73
N ALA C 134 -15.34 14.68 39.93
CA ALA C 134 -14.60 13.98 40.99
C ALA C 134 -14.30 12.55 40.61
N GLY C 135 -15.24 11.88 39.93
CA GLY C 135 -15.00 10.51 39.50
C GLY C 135 -13.85 10.39 38.52
N CYS C 136 -13.84 11.24 37.49
CA CYS C 136 -12.76 11.23 36.50
C CYS C 136 -11.41 11.44 37.16
N ARG C 137 -11.29 12.49 37.99
CA ARG C 137 -9.98 12.82 38.56
C ARG C 137 -9.53 11.78 39.57
N ARG C 138 -10.42 11.33 40.45
CA ARG C 138 -10.03 10.33 41.43
C ARG C 138 -9.69 9.00 40.77
N GLU C 139 -10.36 8.67 39.66
CA GLU C 139 -10.02 7.45 38.94
C GLU C 139 -8.63 7.59 38.31
N TYR C 140 -8.37 8.72 37.65
CA TYR C 140 -7.07 8.96 37.04
C TYR C 140 -5.96 8.99 38.09
N GLU C 141 -6.27 9.51 39.28
CA GLU C 141 -5.31 9.49 40.37
C GLU C 141 -5.01 8.05 40.81
N ALA C 142 -6.04 7.22 40.89
CA ALA C 142 -5.85 5.82 41.26
C ALA C 142 -4.93 5.09 40.28
N TYR C 143 -4.95 5.48 39.00
CA TYR C 143 -4.11 4.79 38.03
C TYR C 143 -2.69 5.31 38.05
N VAL C 144 -2.51 6.64 38.11
CA VAL C 144 -1.17 7.20 38.11
C VAL C 144 -0.43 6.86 39.40
N LYS C 145 -1.17 6.55 40.47
CA LYS C 145 -0.49 6.16 41.70
C LYS C 145 -0.11 4.69 41.73
N GLU C 146 -0.84 3.83 41.03
CA GLU C 146 -0.48 2.42 41.07
C GLU C 146 0.54 2.05 40.00
N ILE C 147 0.98 3.03 39.20
CA ILE C 147 1.93 2.77 38.13
C ILE C 147 3.26 2.30 38.71
N ASN C 152 5.33 10.52 35.68
CA ASN C 152 5.23 11.94 35.34
C ASN C 152 4.02 12.23 34.46
N SER C 153 3.00 12.83 35.08
CA SER C 153 1.77 13.20 34.41
C SER C 153 1.84 14.67 34.04
N THR C 154 1.66 14.97 32.76
CA THR C 154 1.67 16.34 32.27
C THR C 154 0.41 16.63 31.46
N SER C 155 0.28 17.90 31.07
CA SER C 155 -0.90 18.38 30.33
C SER C 155 -0.50 18.85 28.94
N PRO C 156 -0.92 18.16 27.88
CA PRO C 156 -0.61 18.63 26.52
C PRO C 156 -1.30 19.92 26.14
N TYR C 157 -2.30 20.35 26.90
CA TYR C 157 -3.09 21.53 26.53
C TYR C 157 -2.51 22.78 27.14
N SER C 158 -2.59 23.88 26.38
CA SER C 158 -2.26 25.21 26.86
C SER C 158 -3.35 26.16 26.40
N ASP C 159 -3.46 27.31 27.08
CA ASP C 159 -4.47 28.28 26.70
C ASP C 159 -4.23 28.86 25.32
N ASP C 160 -3.02 28.70 24.78
CA ASP C 160 -2.68 29.14 23.44
C ASP C 160 -3.01 28.10 22.37
N CYS C 161 -3.71 27.02 22.72
CA CYS C 161 -4.15 26.05 21.72
C CYS C 161 -5.48 26.52 21.14
N GLN C 162 -5.55 26.63 19.81
CA GLN C 162 -6.79 26.98 19.15
C GLN C 162 -7.29 25.84 18.26
N GLU D 8 -16.09 -27.50 29.35
CA GLU D 8 -14.66 -27.73 29.25
C GLU D 8 -13.97 -26.66 28.41
N SER D 9 -12.79 -26.22 28.87
CA SER D 9 -11.97 -25.26 28.17
C SER D 9 -10.73 -25.94 27.61
N PHE D 10 -10.19 -25.39 26.53
CA PHE D 10 -9.06 -25.98 25.82
C PHE D 10 -7.91 -24.98 25.78
N ALA D 11 -6.78 -25.36 26.37
CA ALA D 11 -5.65 -24.45 26.54
C ALA D 11 -4.92 -24.24 25.22
N ILE D 12 -4.77 -22.97 24.83
CA ILE D 12 -4.04 -22.64 23.60
C ILE D 12 -2.54 -22.64 23.81
N ASP D 13 -2.07 -22.45 25.05
CA ASP D 13 -0.63 -22.51 25.29
C ASP D 13 -0.12 -23.95 25.34
N GLU D 14 -0.99 -24.90 25.65
CA GLU D 14 -0.65 -26.31 25.58
C GLU D 14 -0.79 -26.83 24.15
N PHE D 15 -1.82 -26.40 23.43
CA PHE D 15 -2.00 -26.81 22.04
C PHE D 15 -0.85 -26.35 21.16
N MET D 16 -0.28 -25.18 21.46
CA MET D 16 0.83 -24.65 20.68
C MET D 16 2.18 -24.95 21.30
N ASN D 17 2.21 -25.80 22.32
CA ASN D 17 3.46 -26.17 22.99
C ASN D 17 4.15 -27.26 22.18
N THR D 18 4.64 -26.86 21.02
CA THR D 18 5.33 -27.76 20.10
C THR D 18 6.30 -26.94 19.26
N THR D 19 7.41 -27.57 18.87
CA THR D 19 8.36 -26.96 17.96
C THR D 19 8.02 -27.16 16.50
N ASP D 20 6.97 -27.94 16.20
CA ASP D 20 6.56 -28.19 14.84
C ASP D 20 5.64 -27.08 14.36
N ASP D 21 5.57 -26.91 13.04
CA ASP D 21 4.63 -25.97 12.47
C ASP D 21 3.19 -26.45 12.68
N ILE D 22 2.31 -25.51 13.02
CA ILE D 22 0.89 -25.77 13.19
C ILE D 22 0.19 -25.15 11.99
N TRP D 23 -0.30 -26.00 11.09
CA TRP D 23 -0.86 -25.54 9.82
C TRP D 23 -2.36 -25.35 9.93
N VAL D 24 -2.87 -24.36 9.18
CA VAL D 24 -4.30 -24.16 9.05
C VAL D 24 -4.78 -25.10 7.96
N LEU D 25 -5.34 -26.24 8.35
CA LEU D 25 -5.81 -27.22 7.38
C LEU D 25 -7.11 -26.75 6.73
N ASN D 26 -8.05 -26.27 7.54
CA ASN D 26 -9.34 -25.80 7.04
C ASN D 26 -9.69 -24.46 7.67
N THR D 27 -10.47 -23.67 6.93
CA THR D 27 -10.88 -22.36 7.42
C THR D 27 -12.15 -21.93 6.72
N THR D 28 -12.98 -21.18 7.45
CA THR D 28 -14.15 -20.54 6.89
C THR D 28 -13.89 -19.07 6.53
N GLN D 29 -12.62 -18.65 6.61
CA GLN D 29 -12.25 -17.32 6.16
C GLN D 29 -12.44 -17.17 4.66
N GLN D 30 -12.99 -16.03 4.24
CA GLN D 30 -13.17 -15.75 2.83
C GLN D 30 -11.85 -15.32 2.20
N ASN D 31 -11.50 -15.98 1.10
CA ASN D 31 -10.28 -15.71 0.35
C ASN D 31 -9.04 -15.73 1.25
N PRO D 32 -8.73 -16.85 1.88
CA PRO D 32 -7.60 -16.89 2.80
C PRO D 32 -6.27 -17.02 2.07
N GLN D 33 -5.20 -16.67 2.78
CA GLN D 33 -3.86 -16.83 2.27
C GLN D 33 -3.50 -18.31 2.13
N ALA D 34 -2.41 -18.58 1.43
CA ALA D 34 -1.93 -19.93 1.19
C ALA D 34 -0.84 -20.29 2.19
N CYS D 35 -0.80 -21.58 2.58
CA CYS D 35 0.24 -22.12 3.44
C CYS D 35 0.30 -21.39 4.79
N LYS D 36 -0.86 -21.21 5.41
CA LYS D 36 -0.92 -20.54 6.70
C LYS D 36 -0.40 -21.47 7.79
N LYS D 37 0.54 -20.99 8.59
CA LYS D 37 1.09 -21.81 9.66
C LYS D 37 1.65 -20.92 10.75
N ASP D 38 1.71 -21.48 11.96
CA ASP D 38 2.32 -20.82 13.11
C ASP D 38 3.37 -21.76 13.70
N LYS D 39 4.47 -21.19 14.17
CA LYS D 39 5.46 -21.92 14.96
C LYS D 39 5.68 -21.19 16.27
N LYS D 40 5.38 -21.88 17.37
CA LYS D 40 5.65 -21.31 18.69
C LYS D 40 7.14 -21.10 18.85
N HIS D 41 7.51 -19.93 19.36
CA HIS D 41 8.91 -19.63 19.67
C HIS D 41 9.18 -19.59 21.16
N ASN D 42 8.22 -19.13 21.95
CA ASN D 42 8.35 -19.12 23.40
C ASN D 42 6.97 -19.01 24.02
N ILE D 43 6.85 -19.57 25.23
CA ILE D 43 5.61 -19.53 25.99
C ILE D 43 5.91 -19.01 27.38
N THR D 44 5.23 -17.93 27.76
CA THR D 44 5.33 -17.37 29.10
C THR D 44 3.97 -17.49 29.79
N GLU D 45 3.89 -16.96 31.01
CA GLU D 45 2.62 -16.92 31.71
C GLU D 45 1.72 -15.81 31.19
N ASN D 46 2.29 -14.81 30.53
CA ASN D 46 1.53 -13.67 30.04
C ASN D 46 1.05 -13.87 28.61
N GLY D 47 1.75 -14.69 27.83
CA GLY D 47 1.33 -14.93 26.47
C GLY D 47 2.25 -15.91 25.78
N ILE D 48 2.23 -15.87 24.46
CA ILE D 48 2.99 -16.80 23.64
C ILE D 48 3.56 -16.06 22.44
N TYR D 49 4.87 -16.16 22.24
CA TYR D 49 5.55 -15.60 21.09
C TYR D 49 5.65 -16.65 19.98
N PHE D 50 5.18 -16.29 18.79
CA PHE D 50 5.18 -17.21 17.67
C PHE D 50 5.40 -16.44 16.38
N PHE D 51 5.64 -17.20 15.31
CA PHE D 51 5.86 -16.64 13.97
C PHE D 51 4.76 -17.13 13.05
N ARG D 52 4.02 -16.19 12.47
CA ARG D 52 2.92 -16.52 11.59
C ARG D 52 3.36 -16.32 10.14
N SER D 53 3.18 -17.35 9.33
CA SER D 53 3.66 -17.33 7.96
C SER D 53 2.52 -17.64 7.00
N HIS D 54 2.73 -17.22 5.75
CA HIS D 54 1.85 -17.52 4.64
C HIS D 54 2.68 -17.41 3.38
N LYS D 55 2.07 -17.78 2.26
CA LYS D 55 2.73 -17.74 0.97
C LYS D 55 2.02 -16.74 0.06
N GLU D 56 2.80 -15.77 -0.42
CA GLU D 56 2.34 -14.66 -1.24
C GLU D 56 3.07 -14.71 -2.58
N ASN D 57 2.43 -15.32 -3.58
CA ASN D 57 2.93 -15.34 -4.94
C ASN D 57 4.37 -15.86 -5.01
N GLY D 58 4.58 -17.05 -4.45
CA GLY D 58 5.85 -17.74 -4.46
C GLY D 58 6.80 -17.46 -3.30
N GLN D 59 6.53 -16.46 -2.49
CA GLN D 59 7.37 -16.14 -1.35
C GLN D 59 6.69 -16.51 -0.04
N ILE D 60 7.46 -17.05 0.90
CA ILE D 60 6.99 -17.22 2.28
C ILE D 60 7.16 -15.88 2.97
N LYS D 61 6.06 -15.32 3.46
CA LYS D 61 6.07 -14.11 4.29
C LYS D 61 5.82 -14.51 5.74
N THR D 62 6.64 -13.97 6.65
CA THR D 62 6.53 -14.30 8.06
C THR D 62 6.54 -13.02 8.89
N GLN D 63 5.77 -13.03 9.98
CA GLN D 63 5.76 -11.94 10.94
C GLN D 63 5.79 -12.51 12.35
N THR D 64 6.50 -11.81 13.25
CA THR D 64 6.61 -12.19 14.64
C THR D 64 5.47 -11.59 15.45
N LEU D 65 4.68 -12.43 16.10
CA LEU D 65 3.53 -11.99 16.87
C LEU D 65 3.63 -12.51 18.31
N PHE D 66 3.02 -11.74 19.22
CA PHE D 66 2.88 -12.13 20.62
C PHE D 66 1.40 -12.15 20.95
N GLY D 67 0.87 -13.33 21.25
CA GLY D 67 -0.51 -13.45 21.67
C GLY D 67 -0.66 -13.36 23.18
N GLU D 68 -1.27 -12.29 23.66
CA GLU D 68 -1.42 -12.06 25.08
C GLU D 68 -2.68 -12.75 25.58
N PHE D 69 -2.54 -13.54 26.65
CA PHE D 69 -3.69 -14.21 27.24
C PHE D 69 -4.66 -13.20 27.83
N ILE D 70 -5.93 -13.30 27.44
CA ILE D 70 -6.96 -12.39 27.93
C ILE D 70 -8.11 -13.20 28.50
N HIS D 71 -8.73 -12.65 29.53
CA HIS D 71 -9.86 -13.26 30.22
C HIS D 71 -10.91 -12.21 30.54
N PHE D 72 -12.17 -12.56 30.35
CA PHE D 72 -13.28 -11.65 30.62
C PHE D 72 -13.73 -11.69 32.07
N SER D 73 -13.10 -12.54 32.89
CA SER D 73 -13.32 -12.56 34.32
C SER D 73 -12.03 -13.03 34.98
N GLU D 74 -12.03 -13.06 36.30
CA GLU D 74 -10.91 -13.61 37.05
C GLU D 74 -11.07 -15.09 37.35
N GLU D 75 -12.25 -15.65 37.12
CA GLU D 75 -12.51 -17.05 37.41
C GLU D 75 -12.10 -17.99 36.27
N GLU D 76 -11.68 -17.46 35.14
CA GLU D 76 -11.22 -18.29 34.04
C GLU D 76 -9.80 -18.76 34.31
N LYS D 77 -9.60 -20.07 34.31
CA LYS D 77 -8.32 -20.66 34.70
C LYS D 77 -7.59 -21.32 33.55
N VAL D 78 -8.12 -21.25 32.33
CA VAL D 78 -7.53 -21.88 31.17
C VAL D 78 -7.17 -20.81 30.16
N ASN D 79 -5.92 -20.83 29.69
CA ASN D 79 -5.45 -19.86 28.69
C ASN D 79 -5.94 -20.33 27.32
N ASN D 80 -7.19 -20.00 27.03
CA ASN D 80 -7.85 -20.41 25.81
C ASN D 80 -8.06 -19.27 24.82
N ARG D 81 -7.59 -18.07 25.12
CA ARG D 81 -7.87 -16.91 24.29
C ARG D 81 -6.68 -15.95 24.32
N ILE D 82 -6.31 -15.44 23.15
CA ILE D 82 -5.20 -14.51 23.03
C ILE D 82 -5.66 -13.28 22.28
N SER D 83 -5.09 -12.13 22.67
CA SER D 83 -5.23 -10.89 21.93
C SER D 83 -3.98 -10.68 21.10
N ILE D 84 -4.16 -10.28 19.83
CA ILE D 84 -3.06 -10.14 18.89
C ILE D 84 -3.04 -8.72 18.37
N SER D 85 -1.86 -8.12 18.36
CA SER D 85 -1.67 -6.75 17.92
C SER D 85 -0.83 -6.71 16.65
N ASP D 86 -1.14 -5.77 15.77
CA ASP D 86 -0.40 -5.53 14.53
C ASP D 86 -0.36 -6.75 13.63
N GLU D 87 -1.42 -7.55 13.66
CA GLU D 87 -1.54 -8.69 12.75
C GLU D 87 -1.92 -8.19 11.36
N SER D 88 -1.25 -8.72 10.34
CA SER D 88 -1.36 -8.15 8.99
C SER D 88 -2.76 -8.31 8.41
N SER D 89 -3.48 -9.38 8.79
CA SER D 89 -4.84 -9.61 8.32
C SER D 89 -5.89 -8.98 9.21
N GLY D 90 -5.50 -8.12 10.15
CA GLY D 90 -6.45 -7.52 11.06
C GLY D 90 -6.97 -8.43 12.15
N VAL D 91 -6.36 -9.61 12.33
CA VAL D 91 -6.77 -10.49 13.41
C VAL D 91 -6.38 -9.87 14.74
N HIS D 92 -7.35 -9.68 15.63
CA HIS D 92 -7.08 -9.10 16.94
C HIS D 92 -7.32 -10.06 18.09
N ALA D 93 -8.08 -11.13 17.88
CA ALA D 93 -8.33 -12.10 18.94
C ALA D 93 -8.51 -13.48 18.34
N GLU D 94 -8.06 -14.50 19.07
CA GLU D 94 -8.24 -15.89 18.70
C GLU D 94 -8.58 -16.69 19.94
N HIS D 95 -9.55 -17.60 19.79
CA HIS D 95 -10.10 -18.36 20.91
C HIS D 95 -10.13 -19.84 20.54
N LEU D 96 -9.38 -20.65 21.26
CA LEU D 96 -9.36 -22.09 21.04
C LEU D 96 -10.52 -22.72 21.80
N TYR D 97 -11.51 -23.24 21.07
CA TYR D 97 -12.68 -23.85 21.69
C TYR D 97 -12.72 -25.36 21.54
N TYR D 98 -11.71 -25.97 20.94
CA TYR D 98 -11.61 -27.43 20.91
C TYR D 98 -10.19 -27.82 20.54
N SER D 99 -9.75 -28.95 21.08
CA SER D 99 -8.46 -29.52 20.74
C SER D 99 -8.52 -31.01 21.01
N SER D 100 -7.81 -31.78 20.19
CA SER D 100 -7.78 -33.21 20.40
C SER D 100 -7.09 -33.54 21.72
N GLU D 101 -7.35 -34.74 22.23
CA GLU D 101 -6.83 -35.11 23.54
C GLU D 101 -5.31 -35.16 23.54
N ASP D 102 -4.71 -35.57 22.42
CA ASP D 102 -3.27 -35.56 22.26
C ASP D 102 -2.73 -34.21 21.76
N LYS D 103 -3.60 -33.19 21.66
CA LYS D 103 -3.22 -31.82 21.31
C LYS D 103 -2.68 -31.68 19.89
N LYS D 104 -2.95 -32.62 19.00
CA LYS D 104 -2.41 -32.54 17.64
C LYS D 104 -3.32 -31.81 16.66
N CYS D 105 -4.57 -31.52 17.03
CA CYS D 105 -5.45 -30.69 16.22
C CYS D 105 -6.33 -29.85 17.12
N GLY D 106 -6.73 -28.69 16.61
CA GLY D 106 -7.53 -27.77 17.39
C GLY D 106 -8.39 -26.90 16.49
N LEU D 107 -9.45 -26.36 17.09
CA LEU D 107 -10.38 -25.46 16.42
C LEU D 107 -10.29 -24.08 17.06
N VAL D 108 -10.04 -23.06 16.22
CA VAL D 108 -9.81 -21.70 16.68
C VAL D 108 -10.85 -20.78 16.05
N GLN D 109 -11.58 -20.03 16.89
CA GLN D 109 -12.45 -18.97 16.43
C GLN D 109 -11.66 -17.67 16.35
N VAL D 110 -11.68 -17.04 15.17
CA VAL D 110 -10.84 -15.89 14.86
C VAL D 110 -11.71 -14.66 14.68
N PHE D 111 -11.37 -13.58 15.38
CA PHE D 111 -12.04 -12.29 15.23
C PHE D 111 -11.08 -11.34 14.52
N ALA D 112 -11.49 -10.83 13.36
CA ALA D 112 -10.67 -9.93 12.57
C ALA D 112 -11.39 -8.59 12.36
N LYS D 113 -10.83 -7.78 11.47
CA LYS D 113 -11.43 -6.52 11.08
C LYS D 113 -12.66 -6.75 10.21
N ASP D 114 -13.32 -5.66 9.83
CA ASP D 114 -14.51 -5.70 8.99
C ASP D 114 -15.58 -6.61 9.57
N GLN D 115 -15.59 -6.74 10.90
CA GLN D 115 -16.59 -7.54 11.63
C GLN D 115 -16.61 -8.98 11.15
N ASN D 116 -15.44 -9.51 10.83
CA ASN D 116 -15.32 -10.88 10.32
C ASN D 116 -14.93 -11.82 11.44
N VAL D 117 -15.68 -12.91 11.59
CA VAL D 117 -15.41 -13.98 12.53
C VAL D 117 -15.49 -15.30 11.78
N TRP D 118 -14.45 -16.13 11.91
CA TRP D 118 -14.42 -17.41 11.22
C TRP D 118 -13.78 -18.45 12.14
N THR D 119 -13.67 -19.67 11.60
CA THR D 119 -13.12 -20.80 12.33
C THR D 119 -12.02 -21.46 11.50
N GLU D 120 -10.91 -21.79 12.16
CA GLU D 120 -9.80 -22.50 11.53
C GLU D 120 -9.58 -23.84 12.22
N LEU D 121 -9.43 -24.90 11.42
CA LEU D 121 -9.00 -26.20 11.91
C LEU D 121 -7.49 -26.30 11.71
N ARG D 122 -6.75 -26.29 12.81
CA ARG D 122 -5.30 -26.31 12.78
C ARG D 122 -4.79 -27.65 13.27
N VAL D 123 -3.65 -28.07 12.72
CA VAL D 123 -3.06 -29.37 13.04
C VAL D 123 -1.54 -29.20 13.15
N ARG D 124 -0.95 -29.98 14.05
CA ARG D 124 0.50 -30.04 14.16
C ARG D 124 1.10 -30.83 13.02
N GLY D 125 2.19 -30.32 12.47
CA GLY D 125 2.89 -31.00 11.39
C GLY D 125 2.16 -31.03 10.06
N HIS D 126 2.83 -31.51 9.03
CA HIS D 126 2.23 -31.60 7.72
C HIS D 126 1.07 -32.60 7.74
N PRO D 127 -0.14 -32.18 7.38
CA PRO D 127 -1.28 -33.11 7.42
C PRO D 127 -1.08 -34.29 6.48
N ASN D 128 -1.63 -35.43 6.89
CA ASN D 128 -1.61 -36.63 6.08
C ASN D 128 -3.01 -36.96 5.60
N TYR D 129 -3.08 -37.82 4.59
CA TYR D 129 -4.35 -38.16 3.97
C TYR D 129 -5.10 -39.18 4.82
N GLY D 130 -6.38 -38.92 5.08
CA GLY D 130 -7.21 -39.84 5.82
C GLY D 130 -6.88 -39.99 7.28
N SER D 131 -6.03 -39.13 7.83
CA SER D 131 -5.60 -39.27 9.22
C SER D 131 -6.03 -38.07 10.06
N LEU D 132 -7.27 -37.63 9.90
CA LEU D 132 -7.77 -36.51 10.69
C LEU D 132 -8.53 -37.03 11.91
N ASP D 133 -8.30 -36.40 13.05
CA ASP D 133 -8.97 -36.78 14.29
C ASP D 133 -10.48 -36.69 14.13
N ALA D 134 -11.18 -37.75 14.54
CA ALA D 134 -12.62 -37.80 14.37
C ALA D 134 -13.31 -36.70 15.16
N GLY D 135 -12.80 -36.43 16.36
CA GLY D 135 -13.37 -35.35 17.17
C GLY D 135 -13.20 -33.99 16.51
N CYS D 136 -11.98 -33.68 16.08
CA CYS D 136 -11.72 -32.43 15.38
C CYS D 136 -12.58 -32.31 14.12
N ARG D 137 -12.67 -33.39 13.34
CA ARG D 137 -13.44 -33.34 12.10
C ARG D 137 -14.92 -33.12 12.38
N ARG D 138 -15.48 -33.86 13.33
CA ARG D 138 -16.91 -33.74 13.60
C ARG D 138 -17.26 -32.40 14.23
N GLU D 139 -16.38 -31.89 15.09
CA GLU D 139 -16.62 -30.57 15.67
C GLU D 139 -16.57 -29.49 14.60
N TYR D 140 -15.56 -29.55 13.72
CA TYR D 140 -15.47 -28.57 12.64
C TYR D 140 -16.64 -28.71 11.68
N GLU D 141 -17.08 -29.95 11.43
CA GLU D 141 -18.26 -30.14 10.60
C GLU D 141 -19.49 -29.54 11.26
N ALA D 142 -19.65 -29.73 12.58
CA ALA D 142 -20.77 -29.13 13.28
C ALA D 142 -20.75 -27.61 13.20
N TYR D 143 -19.57 -27.00 13.21
CA TYR D 143 -19.50 -25.54 13.21
C TYR D 143 -19.70 -24.95 11.82
N VAL D 144 -19.11 -25.56 10.79
CA VAL D 144 -19.42 -25.15 9.42
C VAL D 144 -20.87 -25.46 9.07
N LYS D 145 -21.50 -26.34 9.85
CA LYS D 145 -22.90 -26.72 9.68
C LYS D 145 -23.83 -25.68 10.29
N GLU D 146 -23.35 -24.93 11.28
CA GLU D 146 -24.12 -23.94 12.02
C GLU D 146 -24.06 -22.53 11.44
N ILE D 147 -23.31 -22.30 10.38
CA ILE D 147 -23.20 -20.95 9.80
C ILE D 147 -24.06 -20.91 8.54
N LYS D 150 -23.46 -18.69 4.16
CA LYS D 150 -22.60 -17.82 3.37
C LYS D 150 -21.12 -18.07 3.65
N LYS D 151 -20.84 -19.04 4.53
CA LYS D 151 -19.48 -19.34 4.96
C LYS D 151 -18.95 -20.51 4.12
N ASN D 152 -17.97 -20.23 3.27
CA ASN D 152 -17.35 -21.23 2.41
C ASN D 152 -16.06 -21.71 3.07
N SER D 153 -15.96 -23.03 3.27
CA SER D 153 -14.80 -23.64 3.91
C SER D 153 -13.84 -24.11 2.83
N THR D 154 -12.60 -23.62 2.89
CA THR D 154 -11.54 -24.03 1.99
C THR D 154 -10.32 -24.45 2.81
N SER D 155 -9.33 -25.00 2.11
CA SER D 155 -8.12 -25.50 2.77
C SER D 155 -6.91 -24.74 2.28
N PRO D 156 -6.28 -23.90 3.11
CA PRO D 156 -5.07 -23.19 2.67
C PRO D 156 -3.86 -24.09 2.48
N TYR D 157 -3.88 -25.33 2.97
CA TYR D 157 -2.70 -26.18 2.93
C TYR D 157 -2.63 -27.01 1.66
N SER D 158 -1.42 -27.12 1.12
CA SER D 158 -1.10 -28.03 0.03
C SER D 158 0.25 -28.67 0.34
N ASP D 159 0.53 -29.81 -0.29
CA ASP D 159 1.80 -30.48 -0.04
C ASP D 159 3.01 -29.69 -0.53
N ASP D 160 2.82 -28.65 -1.34
CA ASP D 160 3.92 -27.82 -1.79
C ASP D 160 4.29 -26.72 -0.80
N CYS D 161 3.68 -26.73 0.38
CA CYS D 161 4.00 -25.77 1.43
C CYS D 161 5.18 -26.27 2.26
N GLN D 162 6.18 -25.41 2.45
CA GLN D 162 7.32 -25.72 3.30
C GLN D 162 7.28 -24.84 4.55
N GLU E 8 36.69 -7.16 32.02
CA GLU E 8 35.32 -7.14 32.51
C GLU E 8 34.32 -7.27 31.38
N SER E 9 33.31 -8.11 31.59
CA SER E 9 32.22 -8.30 30.65
C SER E 9 30.99 -7.54 31.12
N PHE E 10 30.16 -7.12 30.17
CA PHE E 10 28.98 -6.32 30.45
C PHE E 10 27.76 -7.06 29.91
N ALA E 11 26.85 -7.42 30.81
CA ALA E 11 25.71 -8.24 30.43
C ALA E 11 24.69 -7.41 29.67
N ILE E 12 24.33 -7.89 28.47
CA ILE E 12 23.36 -7.16 27.66
C ILE E 12 21.93 -7.42 28.13
N ASP E 13 21.69 -8.54 28.81
CA ASP E 13 20.39 -8.83 29.38
C ASP E 13 20.13 -8.10 30.69
N GLU E 14 21.18 -7.68 31.39
CA GLU E 14 20.99 -6.81 32.55
C GLU E 14 20.79 -5.37 32.12
N PHE E 15 21.54 -4.92 31.12
CA PHE E 15 21.41 -3.56 30.63
C PHE E 15 20.03 -3.30 30.04
N MET E 16 19.42 -4.30 29.42
CA MET E 16 18.10 -4.17 28.82
C MET E 16 16.99 -4.68 29.73
N ASN E 17 17.29 -4.99 30.99
CA ASN E 17 16.28 -5.47 31.93
C ASN E 17 15.55 -4.27 32.53
N THR E 18 14.76 -3.62 31.68
CA THR E 18 13.99 -2.45 32.08
C THR E 18 12.78 -2.31 31.17
N THR E 19 11.73 -1.70 31.73
CA THR E 19 10.53 -1.39 30.96
C THR E 19 10.62 -0.07 30.21
N ASP E 20 11.70 0.67 30.37
CA ASP E 20 11.86 1.95 29.69
C ASP E 20 12.40 1.76 28.27
N ASP E 21 12.11 2.74 27.42
CA ASP E 21 12.73 2.78 26.11
C ASP E 21 14.22 3.09 26.26
N ILE E 22 15.03 2.39 25.46
CA ILE E 22 16.47 2.60 25.42
C ILE E 22 16.79 3.30 24.11
N TRP E 23 17.16 4.59 24.20
CA TRP E 23 17.34 5.42 23.03
C TRP E 23 18.79 5.41 22.55
N VAL E 24 18.96 5.51 21.23
CA VAL E 24 20.28 5.67 20.64
C VAL E 24 20.61 7.17 20.67
N LEU E 25 21.42 7.57 21.65
CA LEU E 25 21.80 8.97 21.76
C LEU E 25 22.81 9.35 20.68
N ASN E 26 23.82 8.52 20.49
CA ASN E 26 24.86 8.77 19.50
C ASN E 26 25.12 7.49 18.71
N THR E 27 25.54 7.67 17.46
CA THR E 27 25.86 6.52 16.62
C THR E 27 26.80 6.98 15.50
N THR E 28 27.69 6.08 15.10
CA THR E 28 28.57 6.28 13.96
C THR E 28 28.04 5.60 12.71
N GLN E 29 26.79 5.13 12.75
CA GLN E 29 26.15 4.57 11.58
C GLN E 29 26.01 5.62 10.49
N GLN E 30 26.22 5.19 9.24
CA GLN E 30 26.07 6.07 8.10
C GLN E 30 24.60 6.35 7.83
N ASN E 31 24.23 7.63 7.76
CA ASN E 31 22.87 8.06 7.46
C ASN E 31 21.87 7.31 8.35
N PRO E 32 21.92 7.52 9.66
CA PRO E 32 21.09 6.71 10.56
C PRO E 32 19.64 7.17 10.60
N GLN E 33 18.79 6.26 11.04
CA GLN E 33 17.38 6.56 11.23
C GLN E 33 17.19 7.52 12.39
N ALA E 34 15.99 8.09 12.47
CA ALA E 34 15.65 9.03 13.53
C ALA E 34 14.88 8.31 14.63
N CYS E 35 15.10 8.76 15.86
CA CYS E 35 14.38 8.26 17.03
C CYS E 35 14.55 6.75 17.20
N LYS E 36 15.80 6.30 17.10
CA LYS E 36 16.07 4.87 17.25
C LYS E 36 15.97 4.48 18.72
N LYS E 37 15.18 3.45 18.99
CA LYS E 37 15.02 2.99 20.37
C LYS E 37 14.60 1.53 20.38
N ASP E 38 14.89 0.87 21.49
CA ASP E 38 14.47 -0.50 21.75
C ASP E 38 13.70 -0.54 23.05
N LYS E 39 12.67 -1.38 23.12
CA LYS E 39 11.99 -1.69 24.37
C LYS E 39 12.00 -3.19 24.58
N LYS E 40 12.62 -3.63 25.68
CA LYS E 40 12.62 -5.04 26.05
C LYS E 40 11.21 -5.51 26.34
N HIS E 41 10.85 -6.68 25.82
CA HIS E 41 9.57 -7.29 26.13
C HIS E 41 9.69 -8.49 27.04
N ASN E 42 10.73 -9.30 26.88
CA ASN E 42 10.96 -10.45 27.74
C ASN E 42 12.41 -10.89 27.61
N ILE E 43 12.93 -11.49 28.68
CA ILE E 43 14.30 -11.98 28.73
C ILE E 43 14.30 -13.44 29.19
N THR E 44 14.88 -14.32 28.37
CA THR E 44 15.06 -15.72 28.70
C THR E 44 16.57 -16.01 28.79
N GLU E 45 16.91 -17.28 29.03
CA GLU E 45 18.31 -17.68 29.06
C GLU E 45 18.93 -17.81 27.67
N ASN E 46 18.10 -17.98 26.64
CA ASN E 46 18.64 -18.12 25.29
C ASN E 46 18.74 -16.80 24.56
N GLY E 47 17.93 -15.82 24.93
CA GLY E 47 18.00 -14.52 24.30
C GLY E 47 17.04 -13.55 24.92
N ILE E 48 16.71 -12.50 24.17
CA ILE E 48 15.88 -11.42 24.66
C ILE E 48 14.93 -10.98 23.55
N TYR E 49 13.64 -10.96 23.84
CA TYR E 49 12.63 -10.45 22.92
C TYR E 49 12.38 -8.98 23.20
N PHE E 50 12.48 -8.17 22.15
CA PHE E 50 12.30 -6.72 22.29
C PHE E 50 11.66 -6.17 21.03
N PHE E 51 11.28 -4.90 21.12
CA PHE E 51 10.67 -4.16 20.01
C PHE E 51 11.59 -3.00 19.64
N ARG E 52 12.06 -2.99 18.40
CA ARG E 52 12.97 -1.96 17.91
C ARG E 52 12.19 -0.99 17.03
N SER E 53 12.30 0.31 17.35
CA SER E 53 11.53 1.32 16.66
C SER E 53 12.47 2.39 16.11
N HIS E 54 12.00 3.08 15.08
CA HIS E 54 12.73 4.21 14.52
C HIS E 54 11.76 5.07 13.71
N LYS E 55 12.25 6.24 13.31
CA LYS E 55 11.51 7.17 12.46
C LYS E 55 12.30 7.38 11.18
N GLU E 56 11.81 6.86 10.07
CA GLU E 56 12.50 7.00 8.80
C GLU E 56 12.39 8.42 8.28
N ASN E 57 11.26 8.74 7.67
CA ASN E 57 10.96 10.06 7.12
C ASN E 57 9.64 10.54 7.68
N GLY E 58 9.51 10.46 9.01
CA GLY E 58 8.27 10.80 9.67
C GLY E 58 7.33 9.63 9.82
N GLN E 59 7.81 8.41 9.59
CA GLN E 59 7.03 7.18 9.76
C GLN E 59 7.60 6.41 10.93
N ILE E 60 6.80 6.19 11.96
CA ILE E 60 7.25 5.36 13.09
C ILE E 60 7.12 3.91 12.65
N LYS E 61 8.27 3.24 12.53
CA LYS E 61 8.34 1.81 12.24
C LYS E 61 8.80 1.05 13.47
N THR E 62 8.12 -0.06 13.76
CA THR E 62 8.48 -0.92 14.88
C THR E 62 8.56 -2.35 14.37
N GLN E 63 9.51 -3.11 14.90
CA GLN E 63 9.64 -4.51 14.55
C GLN E 63 9.95 -5.32 15.80
N THR E 64 9.36 -6.51 15.89
CA THR E 64 9.59 -7.42 17.01
C THR E 64 10.78 -8.30 16.68
N LEU E 65 11.81 -8.25 17.52
CA LEU E 65 13.04 -8.98 17.29
C LEU E 65 13.38 -9.86 18.48
N PHE E 66 14.10 -10.95 18.20
CA PHE E 66 14.67 -11.83 19.20
C PHE E 66 16.18 -11.86 19.02
N GLY E 67 16.90 -11.30 19.98
CA GLY E 67 18.34 -11.37 19.97
C GLY E 67 18.85 -12.57 20.75
N GLU E 68 19.42 -13.55 20.05
CA GLU E 68 19.88 -14.76 20.71
C GLU E 68 21.31 -14.59 21.21
N PHE E 69 21.53 -14.95 22.47
CA PHE E 69 22.85 -14.89 23.06
C PHE E 69 23.78 -15.88 22.37
N ILE E 70 24.94 -15.39 21.96
CA ILE E 70 25.93 -16.20 21.26
C ILE E 70 27.25 -16.13 22.02
N HIS E 71 28.02 -17.21 21.95
CA HIS E 71 29.29 -17.31 22.65
C HIS E 71 30.33 -17.94 21.73
N PHE E 72 31.54 -17.37 21.76
CA PHE E 72 32.64 -17.84 20.93
C PHE E 72 33.46 -18.94 21.58
N SER E 73 33.11 -19.33 22.81
CA SER E 73 33.74 -20.48 23.45
C SER E 73 32.72 -21.09 24.41
N GLU E 74 33.12 -22.16 25.09
CA GLU E 74 32.29 -22.77 26.11
C GLU E 74 32.55 -22.20 27.50
N GLU E 75 33.61 -21.41 27.66
CA GLU E 75 33.95 -20.80 28.94
C GLU E 75 33.28 -19.45 29.16
N GLU E 76 32.62 -18.89 28.16
CA GLU E 76 31.93 -17.62 28.32
C GLU E 76 30.59 -17.83 29.00
N LYS E 77 30.33 -17.05 30.04
CA LYS E 77 29.09 -17.13 30.80
C LYS E 77 28.35 -15.81 30.88
N VAL E 78 28.84 -14.75 30.22
CA VAL E 78 28.21 -13.45 30.22
C VAL E 78 27.54 -13.23 28.88
N ASN E 79 26.25 -12.90 28.90
CA ASN E 79 25.47 -12.64 27.69
C ASN E 79 25.72 -11.20 27.24
N ASN E 80 26.84 -11.01 26.54
CA ASN E 80 27.27 -9.69 26.08
C ASN E 80 27.13 -9.51 24.57
N ARG E 81 26.61 -10.50 23.86
CA ARG E 81 26.54 -10.43 22.41
C ARG E 81 25.30 -11.18 21.93
N ILE E 82 24.57 -10.58 20.99
CA ILE E 82 23.34 -11.17 20.48
C ILE E 82 23.40 -11.25 18.97
N SER E 83 22.76 -12.29 18.43
CA SER E 83 22.52 -12.42 17.00
C SER E 83 21.09 -12.01 16.70
N ILE E 84 20.91 -11.23 15.63
CA ILE E 84 19.62 -10.66 15.27
C ILE E 84 19.25 -11.09 13.86
N SER E 85 18.00 -11.49 13.68
CA SER E 85 17.49 -11.95 12.39
C SER E 85 16.44 -10.99 11.86
N ASP E 86 16.43 -10.80 10.54
CA ASP E 86 15.43 -10.00 9.83
C ASP E 86 15.38 -8.56 10.35
N GLU E 87 16.53 -8.03 10.76
CA GLU E 87 16.59 -6.64 11.20
C GLU E 87 16.60 -5.73 9.98
N SER E 88 15.78 -4.68 10.02
CA SER E 88 15.52 -3.89 8.81
C SER E 88 16.75 -3.17 8.32
N SER E 89 17.68 -2.82 9.22
CA SER E 89 18.91 -2.15 8.83
C SER E 89 20.03 -3.11 8.48
N GLY E 90 19.73 -4.40 8.33
CA GLY E 90 20.76 -5.37 8.04
C GLY E 90 21.64 -5.73 9.22
N VAL E 91 21.26 -5.34 10.42
CA VAL E 91 22.04 -5.68 11.61
C VAL E 91 21.91 -7.18 11.90
N HIS E 92 23.05 -7.86 11.97
CA HIS E 92 23.05 -9.28 12.28
C HIS E 92 23.67 -9.61 13.62
N ALA E 93 24.46 -8.71 14.20
CA ALA E 93 25.07 -8.95 15.50
C ALA E 93 25.23 -7.62 16.22
N GLU E 94 25.08 -7.66 17.54
CA GLU E 94 25.32 -6.51 18.40
C GLU E 94 26.05 -6.97 19.65
N HIS E 95 27.03 -6.19 20.08
CA HIS E 95 27.91 -6.56 21.19
C HIS E 95 28.03 -5.40 22.17
N LEU E 96 27.57 -5.63 23.41
CA LEU E 96 27.70 -4.64 24.49
C LEU E 96 29.08 -4.78 25.12
N TYR E 97 29.91 -3.75 24.98
CA TYR E 97 31.26 -3.79 25.52
C TYR E 97 31.50 -2.76 26.62
N TYR E 98 30.49 -1.98 27.01
CA TYR E 98 30.60 -1.12 28.18
C TYR E 98 29.22 -0.68 28.61
N SER E 99 29.05 -0.53 29.92
CA SER E 99 27.83 0.01 30.50
C SER E 99 28.15 0.59 31.87
N SER E 100 27.45 1.66 32.23
CA SER E 100 27.62 2.25 33.55
C SER E 100 27.14 1.30 34.64
N GLU E 101 27.57 1.57 35.87
CA GLU E 101 27.26 0.68 36.98
C GLU E 101 25.75 0.58 37.23
N ASP E 102 25.03 1.68 37.02
CA ASP E 102 23.58 1.65 37.16
C ASP E 102 22.86 1.17 35.91
N LYS E 103 23.60 0.75 34.88
CA LYS E 103 23.05 0.16 33.66
C LYS E 103 22.21 1.16 32.86
N LYS E 104 22.38 2.47 33.10
CA LYS E 104 21.57 3.47 32.45
C LYS E 104 22.16 3.97 31.13
N CYS E 105 23.41 3.63 30.82
CA CYS E 105 23.98 3.94 29.53
C CYS E 105 24.94 2.83 29.12
N GLY E 106 25.08 2.63 27.81
CA GLY E 106 25.94 1.57 27.32
C GLY E 106 26.46 1.85 25.93
N LEU E 107 27.55 1.16 25.59
CA LEU E 107 28.16 1.23 24.27
C LEU E 107 28.01 -0.13 23.59
N VAL E 108 27.41 -0.14 22.41
CA VAL E 108 27.12 -1.36 21.67
C VAL E 108 27.80 -1.29 20.31
N GLN E 109 28.61 -2.29 19.99
CA GLN E 109 29.20 -2.40 18.65
C GLN E 109 28.26 -3.20 17.76
N VAL E 110 27.91 -2.62 16.62
CA VAL E 110 26.89 -3.15 15.72
C VAL E 110 27.56 -3.60 14.43
N PHE E 111 27.27 -4.82 14.00
CA PHE E 111 27.74 -5.35 12.73
C PHE E 111 26.54 -5.45 11.78
N ALA E 112 26.61 -4.75 10.66
CA ALA E 112 25.52 -4.72 9.69
C ALA E 112 25.99 -5.25 8.34
N LYS E 113 25.09 -5.13 7.36
CA LYS E 113 25.37 -5.51 5.98
C LYS E 113 26.43 -4.59 5.37
N ASP E 114 26.83 -4.93 4.15
CA ASP E 114 27.80 -4.12 3.38
C ASP E 114 29.08 -3.91 4.17
N GLN E 115 29.43 -4.88 5.02
CA GLN E 115 30.65 -4.84 5.82
C GLN E 115 30.72 -3.60 6.70
N ASN E 116 29.57 -3.09 7.13
CA ASN E 116 29.50 -1.90 7.95
C ASN E 116 29.51 -2.28 9.43
N VAL E 117 30.42 -1.66 10.19
CA VAL E 117 30.50 -1.83 11.63
C VAL E 117 30.53 -0.45 12.27
N TRP E 118 29.68 -0.24 13.27
CA TRP E 118 29.63 1.05 13.96
C TRP E 118 29.40 0.81 15.44
N THR E 119 29.31 1.93 16.18
CA THR E 119 29.11 1.92 17.63
C THR E 119 27.96 2.84 17.97
N GLU E 120 27.09 2.39 18.88
CA GLU E 120 25.96 3.17 19.36
C GLU E 120 26.12 3.43 20.86
N LEU E 121 25.90 4.67 21.26
CA LEU E 121 25.79 5.04 22.67
C LEU E 121 24.31 5.09 23.02
N ARG E 122 23.87 4.13 23.84
CA ARG E 122 22.47 3.99 24.20
C ARG E 122 22.25 4.39 25.66
N VAL E 123 21.05 4.90 25.94
CA VAL E 123 20.70 5.39 27.28
C VAL E 123 19.27 4.98 27.61
N ARG E 124 19.04 4.69 28.89
CA ARG E 124 17.69 4.45 29.37
C ARG E 124 16.91 5.75 29.50
N GLY E 125 15.65 5.71 29.08
CA GLY E 125 14.78 6.87 29.19
C GLY E 125 15.12 8.01 28.24
N HIS E 126 14.26 9.01 28.19
CA HIS E 126 14.50 10.16 27.34
C HIS E 126 15.74 10.91 27.81
N PRO E 127 16.76 11.07 26.97
CA PRO E 127 17.94 11.83 27.37
C PRO E 127 17.58 13.26 27.74
N ASN E 128 18.30 13.79 28.71
CA ASN E 128 18.13 15.17 29.17
C ASN E 128 19.39 15.97 28.83
N TYR E 129 19.25 17.29 28.87
CA TYR E 129 20.36 18.15 28.51
C TYR E 129 21.36 18.24 29.65
N GLY E 130 22.64 18.07 29.33
CA GLY E 130 23.71 18.19 30.29
C GLY E 130 24.01 16.93 31.07
N SER E 131 23.05 16.03 31.21
CA SER E 131 23.20 14.83 32.03
C SER E 131 23.59 13.66 31.12
N LEU E 132 24.88 13.35 31.06
CA LEU E 132 25.36 12.11 30.48
C LEU E 132 26.42 11.53 31.39
N ASP E 133 26.37 10.21 31.59
CA ASP E 133 27.34 9.54 32.44
C ASP E 133 28.75 9.79 31.94
N ALA E 134 29.64 10.17 32.86
CA ALA E 134 30.99 10.55 32.47
C ALA E 134 31.75 9.36 31.87
N GLY E 135 31.56 8.17 32.44
CA GLY E 135 32.24 7.00 31.91
C GLY E 135 31.79 6.66 30.49
N CYS E 136 30.48 6.62 30.26
CA CYS E 136 29.96 6.37 28.92
C CYS E 136 30.45 7.40 27.92
N ARG E 137 30.40 8.68 28.30
CA ARG E 137 30.83 9.74 27.37
C ARG E 137 32.31 9.63 27.06
N ARG E 138 33.13 9.40 28.09
CA ARG E 138 34.58 9.27 27.86
C ARG E 138 34.88 8.10 26.93
N GLU E 139 34.19 6.98 27.12
CA GLU E 139 34.46 5.81 26.29
C GLU E 139 34.01 6.05 24.86
N TYR E 140 32.82 6.62 24.67
CA TYR E 140 32.35 6.89 23.31
C TYR E 140 33.20 7.94 22.61
N GLU E 141 33.66 8.95 23.35
CA GLU E 141 34.57 9.93 22.75
C GLU E 141 35.88 9.28 22.36
N ALA E 142 36.39 8.37 23.19
CA ALA E 142 37.61 7.64 22.84
C ALA E 142 37.42 6.83 21.58
N TYR E 143 36.23 6.24 21.40
CA TYR E 143 36.02 5.36 20.25
C TYR E 143 35.76 6.13 18.96
N VAL E 144 35.08 7.28 19.04
CA VAL E 144 35.00 8.15 17.87
C VAL E 144 36.36 8.79 17.60
N LYS E 145 37.25 8.80 18.59
CA LYS E 145 38.61 9.28 18.40
C LYS E 145 39.47 8.21 17.74
N GLU E 146 39.12 6.94 17.93
CA GLU E 146 39.85 5.79 17.38
C GLU E 146 39.33 5.38 16.01
N ILE E 147 38.47 6.17 15.39
CA ILE E 147 37.91 5.83 14.08
C ILE E 147 38.94 6.03 12.99
N ASN E 152 31.79 9.03 11.74
CA ASN E 152 30.84 10.13 11.61
C ASN E 152 29.75 9.98 12.66
N SER E 153 29.83 10.78 13.72
CA SER E 153 28.91 10.69 14.84
C SER E 153 27.79 11.72 14.73
N THR E 154 26.55 11.22 14.75
CA THR E 154 25.35 12.05 14.77
C THR E 154 24.46 11.56 15.90
N SER E 155 23.39 12.30 16.16
CA SER E 155 22.47 11.96 17.25
C SER E 155 21.09 11.64 16.70
N PRO E 156 20.64 10.39 16.72
CA PRO E 156 19.28 10.07 16.25
C PRO E 156 18.17 10.60 17.15
N TYR E 157 18.46 11.03 18.37
CA TYR E 157 17.41 11.41 19.29
C TYR E 157 17.06 12.89 19.16
N SER E 158 15.77 13.18 19.23
CA SER E 158 15.26 14.53 19.30
C SER E 158 14.13 14.57 20.32
N ASP E 159 13.84 15.77 20.81
CA ASP E 159 12.75 15.90 21.78
C ASP E 159 11.39 15.60 21.16
N ASP E 160 11.28 15.61 19.83
CA ASP E 160 10.04 15.25 19.15
C ASP E 160 9.91 13.75 18.98
N CYS E 161 10.84 12.98 19.55
CA CYS E 161 10.77 11.53 19.55
C CYS E 161 9.91 11.07 20.72
N GLN E 162 8.96 10.19 20.45
CA GLN E 162 8.10 9.65 21.49
C GLN E 162 8.37 8.18 21.72
N GLU F 8 12.53 -16.58 -25.55
CA GLU F 8 11.73 -16.21 -26.72
C GLU F 8 11.81 -14.71 -26.97
N SER F 9 12.07 -14.33 -28.22
CA SER F 9 12.14 -12.94 -28.65
C SER F 9 10.97 -12.62 -29.57
N PHE F 10 10.54 -11.36 -29.55
CA PHE F 10 9.38 -10.91 -30.29
C PHE F 10 9.76 -9.78 -31.23
N ALA F 11 9.55 -9.99 -32.53
CA ALA F 11 9.98 -9.04 -33.54
C ALA F 11 9.06 -7.81 -33.56
N ILE F 12 9.65 -6.63 -33.44
CA ILE F 12 8.87 -5.40 -33.46
C ILE F 12 8.49 -4.96 -34.87
N ASP F 13 9.22 -5.41 -35.89
CA ASP F 13 8.86 -5.08 -37.26
C ASP F 13 7.69 -5.91 -37.77
N GLU F 14 7.44 -7.07 -37.16
CA GLU F 14 6.25 -7.85 -37.50
C GLU F 14 5.01 -7.29 -36.81
N PHE F 15 5.15 -6.89 -35.55
CA PHE F 15 4.02 -6.35 -34.79
C PHE F 15 3.49 -5.06 -35.40
N MET F 16 4.35 -4.24 -35.99
CA MET F 16 3.94 -2.97 -36.57
C MET F 16 3.75 -3.04 -38.08
N ASN F 17 3.81 -4.23 -38.67
CA ASN F 17 3.60 -4.38 -40.11
C ASN F 17 2.10 -4.48 -40.39
N THR F 18 1.42 -3.35 -40.22
CA THR F 18 -0.01 -3.27 -40.41
C THR F 18 -0.40 -1.86 -40.81
N THR F 19 -1.50 -1.75 -41.54
CA THR F 19 -2.08 -0.45 -41.89
C THR F 19 -2.98 0.09 -40.78
N ASP F 20 -3.17 -0.66 -39.70
CA ASP F 20 -4.01 -0.21 -38.60
C ASP F 20 -3.22 0.69 -37.66
N ASP F 21 -3.95 1.54 -36.94
CA ASP F 21 -3.35 2.32 -35.86
C ASP F 21 -3.02 1.39 -34.70
N ILE F 22 -1.86 1.62 -34.09
CA ILE F 22 -1.44 0.86 -32.91
C ILE F 22 -1.57 1.78 -31.71
N TRP F 23 -2.59 1.55 -30.89
CA TRP F 23 -2.94 2.40 -29.77
C TRP F 23 -2.31 1.93 -28.47
N VAL F 24 -2.00 2.89 -27.59
CA VAL F 24 -1.50 2.59 -26.25
C VAL F 24 -2.71 2.36 -25.35
N LEU F 25 -3.00 1.08 -25.07
CA LEU F 25 -4.12 0.72 -24.20
C LEU F 25 -3.80 0.99 -22.72
N ASN F 26 -2.63 0.57 -22.27
CA ASN F 26 -2.18 0.76 -20.89
C ASN F 26 -0.74 1.24 -20.89
N THR F 27 -0.38 1.93 -19.82
CA THR F 27 0.98 2.43 -19.68
C THR F 27 1.26 2.64 -18.19
N THR F 28 2.51 2.42 -17.80
CA THR F 28 2.96 2.72 -16.45
C THR F 28 3.65 4.07 -16.35
N GLN F 29 3.66 4.83 -17.45
CA GLN F 29 4.15 6.20 -17.41
C GLN F 29 3.22 7.08 -16.58
N GLN F 30 3.80 7.95 -15.76
CA GLN F 30 3.01 8.89 -14.99
C GLN F 30 2.57 10.06 -15.86
N ASN F 31 1.30 10.39 -15.79
CA ASN F 31 0.72 11.49 -16.57
C ASN F 31 0.97 11.35 -18.06
N PRO F 32 0.43 10.32 -18.71
CA PRO F 32 0.68 10.12 -20.13
C PRO F 32 -0.20 11.03 -20.99
N GLN F 33 0.24 11.20 -22.24
CA GLN F 33 -0.53 11.96 -23.22
C GLN F 33 -1.83 11.22 -23.55
N ALA F 34 -2.73 11.93 -24.22
CA ALA F 34 -4.02 11.39 -24.61
C ALA F 34 -3.99 10.91 -26.04
N CYS F 35 -4.70 9.82 -26.31
CA CYS F 35 -4.88 9.28 -27.66
C CYS F 35 -3.54 8.96 -28.32
N LYS F 36 -2.66 8.30 -27.58
CA LYS F 36 -1.34 7.96 -28.10
C LYS F 36 -1.45 6.78 -29.06
N LYS F 37 -0.91 6.94 -30.25
CA LYS F 37 -0.94 5.89 -31.27
C LYS F 37 0.19 6.08 -32.25
N ASP F 38 0.53 5.00 -32.94
CA ASP F 38 1.51 5.01 -34.02
C ASP F 38 0.86 4.48 -35.30
N LYS F 39 1.24 5.05 -36.44
CA LYS F 39 0.84 4.54 -37.73
C LYS F 39 2.09 4.27 -38.56
N LYS F 40 2.29 3.00 -38.92
CA LYS F 40 3.42 2.62 -39.74
C LYS F 40 3.33 3.25 -41.12
N HIS F 41 4.45 3.76 -41.61
CA HIS F 41 4.57 4.26 -42.98
C HIS F 41 5.37 3.34 -43.88
N ASN F 42 6.46 2.76 -43.38
CA ASN F 42 7.24 1.82 -44.15
C ASN F 42 8.15 1.05 -43.22
N ILE F 43 8.50 -0.16 -43.62
CA ILE F 43 9.42 -1.01 -42.87
C ILE F 43 10.51 -1.46 -43.83
N THR F 44 11.75 -1.17 -43.48
CA THR F 44 12.92 -1.59 -44.23
C THR F 44 13.74 -2.58 -43.40
N GLU F 45 14.89 -2.97 -43.94
CA GLU F 45 15.79 -3.87 -43.23
C GLU F 45 16.51 -3.17 -42.10
N ASN F 46 16.62 -1.84 -42.14
CA ASN F 46 17.34 -1.08 -41.14
C ASN F 46 16.45 -0.53 -40.03
N GLY F 47 15.16 -0.32 -40.31
CA GLY F 47 14.28 0.19 -39.28
C GLY F 47 12.86 0.34 -39.78
N ILE F 48 12.11 1.21 -39.11
CA ILE F 48 10.69 1.41 -39.42
C ILE F 48 10.39 2.90 -39.33
N TYR F 49 9.85 3.46 -40.40
CA TYR F 49 9.40 4.84 -40.45
C TYR F 49 7.90 4.87 -40.14
N PHE F 50 7.51 5.68 -39.16
CA PHE F 50 6.13 5.70 -38.72
C PHE F 50 5.76 7.10 -38.24
N PHE F 51 4.49 7.27 -37.92
CA PHE F 51 3.93 8.54 -37.44
C PHE F 51 3.44 8.31 -36.01
N ARG F 52 4.00 9.06 -35.07
CA ARG F 52 3.61 8.98 -33.66
C ARG F 52 2.72 10.17 -33.33
N SER F 53 1.54 9.89 -32.79
CA SER F 53 0.54 10.93 -32.56
C SER F 53 0.05 10.92 -31.12
N HIS F 54 -0.51 12.05 -30.71
CA HIS F 54 -1.22 12.19 -29.44
C HIS F 54 -2.14 13.40 -29.58
N LYS F 55 -2.98 13.60 -28.56
CA LYS F 55 -3.91 14.72 -28.57
C LYS F 55 -3.62 15.66 -27.41
N GLU F 56 -3.41 16.94 -27.74
CA GLU F 56 -3.30 18.01 -26.77
C GLU F 56 -4.33 19.08 -27.12
N ASN F 57 -5.14 19.45 -26.13
CA ASN F 57 -6.07 20.57 -26.24
C ASN F 57 -6.99 20.42 -27.45
N GLY F 58 -7.50 19.21 -27.66
CA GLY F 58 -8.37 18.96 -28.79
C GLY F 58 -7.67 18.66 -30.10
N GLN F 59 -6.44 19.13 -30.28
CA GLN F 59 -5.72 19.00 -31.55
C GLN F 59 -4.71 17.85 -31.47
N ILE F 60 -4.49 17.23 -32.63
CA ILE F 60 -3.62 16.06 -32.75
C ILE F 60 -2.22 16.51 -33.12
N LYS F 61 -1.24 16.16 -32.29
CA LYS F 61 0.16 16.43 -32.58
C LYS F 61 0.78 15.14 -33.12
N THR F 62 1.50 15.26 -34.24
CA THR F 62 2.12 14.12 -34.89
C THR F 62 3.57 14.43 -35.21
N GLN F 63 4.42 13.41 -35.16
CA GLN F 63 5.81 13.51 -35.56
C GLN F 63 6.20 12.30 -36.39
N THR F 64 7.03 12.53 -37.40
CA THR F 64 7.56 11.45 -38.23
C THR F 64 8.84 10.94 -37.58
N LEU F 65 8.85 9.66 -37.24
CA LEU F 65 9.98 9.04 -36.55
C LEU F 65 10.49 7.85 -37.35
N PHE F 66 11.77 7.56 -37.15
CA PHE F 66 12.43 6.36 -37.67
C PHE F 66 13.00 5.60 -36.49
N GLY F 67 12.44 4.44 -36.22
CA GLY F 67 13.02 3.58 -35.20
C GLY F 67 14.01 2.65 -35.87
N GLU F 68 15.29 2.87 -35.59
CA GLU F 68 16.36 2.11 -36.23
C GLU F 68 16.63 0.85 -35.44
N PHE F 69 16.67 -0.28 -36.13
CA PHE F 69 16.97 -1.54 -35.49
C PHE F 69 18.39 -1.50 -34.96
N ILE F 70 18.55 -1.78 -33.67
CA ILE F 70 19.86 -1.77 -33.02
C ILE F 70 20.08 -3.11 -32.34
N HIS F 71 21.35 -3.52 -32.29
CA HIS F 71 21.73 -4.77 -31.66
C HIS F 71 22.97 -4.53 -30.82
N PHE F 72 23.01 -5.12 -29.63
CA PHE F 72 24.15 -4.96 -28.74
C PHE F 72 25.26 -5.95 -29.03
N SER F 73 25.06 -6.84 -30.00
CA SER F 73 26.11 -7.73 -30.50
C SER F 73 25.77 -8.05 -31.95
N GLU F 74 26.60 -8.90 -32.56
CA GLU F 74 26.38 -9.37 -33.92
C GLU F 74 25.56 -10.65 -33.98
N GLU F 75 25.29 -11.30 -32.86
CA GLU F 75 24.54 -12.55 -32.83
C GLU F 75 23.03 -12.39 -32.77
N GLU F 76 22.50 -11.18 -32.58
CA GLU F 76 21.06 -11.01 -32.57
C GLU F 76 20.50 -10.97 -33.99
N LYS F 77 19.51 -11.83 -34.23
CA LYS F 77 18.82 -11.91 -35.51
C LYS F 77 17.38 -11.45 -35.43
N VAL F 78 16.92 -10.99 -34.27
CA VAL F 78 15.55 -10.57 -34.05
C VAL F 78 15.51 -9.07 -33.86
N ASN F 79 14.69 -8.38 -34.65
CA ASN F 79 14.52 -6.94 -34.55
C ASN F 79 13.48 -6.66 -33.45
N ASN F 80 13.95 -6.71 -32.21
CA ASN F 80 13.08 -6.52 -31.05
C ASN F 80 13.33 -5.21 -30.32
N ARG F 81 14.22 -4.36 -30.82
CA ARG F 81 14.59 -3.13 -30.12
C ARG F 81 14.95 -2.08 -31.16
N ILE F 82 14.44 -0.85 -30.97
CA ILE F 82 14.68 0.25 -31.89
C ILE F 82 15.20 1.45 -31.12
N SER F 83 16.10 2.20 -31.76
CA SER F 83 16.54 3.50 -31.28
C SER F 83 15.85 4.60 -32.06
N ILE F 84 15.40 5.64 -31.35
CA ILE F 84 14.66 6.74 -31.94
C ILE F 84 15.37 8.05 -31.64
N SER F 85 15.49 8.90 -32.65
CA SER F 85 16.16 10.18 -32.56
C SER F 85 15.15 11.31 -32.71
N ASP F 86 15.39 12.41 -31.99
CA ASP F 86 14.58 13.62 -32.08
C ASP F 86 13.12 13.37 -31.70
N GLU F 87 12.88 12.46 -30.76
CA GLU F 87 11.52 12.23 -30.27
C GLU F 87 11.14 13.33 -29.30
N SER F 88 9.94 13.87 -29.45
CA SER F 88 9.56 15.09 -28.73
C SER F 88 9.48 14.88 -27.22
N SER F 89 9.15 13.68 -26.77
CA SER F 89 9.08 13.39 -25.35
C SER F 89 10.38 12.83 -24.80
N GLY F 90 11.47 12.90 -25.57
CA GLY F 90 12.75 12.37 -25.13
C GLY F 90 12.87 10.87 -25.16
N VAL F 91 11.91 10.17 -25.76
CA VAL F 91 12.01 8.71 -25.88
C VAL F 91 13.14 8.38 -26.86
N HIS F 92 14.11 7.59 -26.41
CA HIS F 92 15.22 7.22 -27.27
C HIS F 92 15.27 5.74 -27.63
N ALA F 93 14.60 4.86 -26.87
CA ALA F 93 14.65 3.45 -27.18
C ALA F 93 13.34 2.78 -26.80
N GLU F 94 12.95 1.78 -27.58
CA GLU F 94 11.77 0.97 -27.31
C GLU F 94 12.10 -0.50 -27.60
N HIS F 95 11.66 -1.38 -26.70
CA HIS F 95 11.97 -2.80 -26.77
C HIS F 95 10.70 -3.62 -26.57
N LEU F 96 10.34 -4.39 -27.59
CA LEU F 96 9.16 -5.27 -27.54
C LEU F 96 9.57 -6.56 -26.84
N TYR F 97 9.04 -6.80 -25.64
CA TYR F 97 9.39 -8.00 -24.89
C TYR F 97 8.28 -9.05 -24.89
N TYR F 98 7.16 -8.78 -25.57
CA TYR F 98 6.10 -9.77 -25.73
C TYR F 98 5.12 -9.26 -26.76
N SER F 99 4.53 -10.19 -27.51
CA SER F 99 3.45 -9.89 -28.43
C SER F 99 2.64 -11.16 -28.64
N SER F 100 1.32 -10.99 -28.82
CA SER F 100 0.48 -12.15 -29.10
C SER F 100 0.82 -12.71 -30.48
N GLU F 101 0.47 -13.98 -30.68
CA GLU F 101 0.85 -14.65 -31.92
C GLU F 101 0.18 -14.03 -33.14
N ASP F 102 -1.04 -13.51 -33.00
CA ASP F 102 -1.68 -12.82 -34.11
C ASP F 102 -1.26 -11.36 -34.22
N LYS F 103 -0.32 -10.92 -33.38
CA LYS F 103 0.29 -9.59 -33.45
C LYS F 103 -0.70 -8.45 -33.20
N LYS F 104 -1.84 -8.73 -32.56
CA LYS F 104 -2.83 -7.69 -32.33
C LYS F 104 -2.61 -6.96 -31.01
N CYS F 105 -1.73 -7.46 -30.15
CA CYS F 105 -1.34 -6.74 -28.95
C CYS F 105 0.13 -7.04 -28.67
N GLY F 106 0.79 -6.08 -28.05
CA GLY F 106 2.21 -6.23 -27.75
C GLY F 106 2.58 -5.39 -26.54
N LEU F 107 3.68 -5.77 -25.91
CA LEU F 107 4.21 -5.06 -24.75
C LEU F 107 5.55 -4.43 -25.13
N VAL F 108 5.64 -3.11 -24.98
CA VAL F 108 6.82 -2.35 -25.37
C VAL F 108 7.34 -1.64 -24.13
N GLN F 109 8.61 -1.90 -23.81
CA GLN F 109 9.29 -1.20 -22.73
C GLN F 109 9.95 0.06 -23.32
N VAL F 110 9.63 1.22 -22.75
CA VAL F 110 10.05 2.49 -23.32
C VAL F 110 11.06 3.14 -22.39
N PHE F 111 12.22 3.50 -22.94
CA PHE F 111 13.28 4.22 -22.24
C PHE F 111 13.40 5.61 -22.83
N ALA F 112 13.30 6.63 -21.99
CA ALA F 112 13.41 8.01 -22.42
C ALA F 112 14.65 8.66 -21.81
N LYS F 113 15.07 9.76 -22.42
CA LYS F 113 16.34 10.39 -22.06
C LYS F 113 16.36 10.86 -20.61
N ASP F 114 15.20 11.23 -20.06
CA ASP F 114 15.12 11.72 -18.70
C ASP F 114 15.15 10.60 -17.64
N GLN F 115 15.56 9.40 -18.04
CA GLN F 115 15.73 8.21 -17.21
C GLN F 115 14.41 7.63 -16.71
N ASN F 116 13.28 8.05 -17.28
CA ASN F 116 12.02 7.37 -17.02
C ASN F 116 11.94 6.11 -17.86
N VAL F 117 11.57 5.00 -17.22
CA VAL F 117 11.38 3.72 -17.90
C VAL F 117 9.99 3.20 -17.55
N TRP F 118 9.21 2.86 -18.57
CA TRP F 118 7.87 2.36 -18.36
C TRP F 118 7.54 1.31 -19.42
N THR F 119 6.32 0.79 -19.35
CA THR F 119 5.83 -0.23 -20.28
C THR F 119 4.49 0.22 -20.84
N GLU F 120 4.31 0.03 -22.14
CA GLU F 120 3.06 0.33 -22.81
C GLU F 120 2.46 -0.97 -23.35
N LEU F 121 1.18 -1.16 -23.09
CA LEU F 121 0.41 -2.23 -23.69
C LEU F 121 -0.29 -1.67 -24.92
N ARG F 122 0.15 -2.10 -26.10
CA ARG F 122 -0.32 -1.58 -27.37
C ARG F 122 -1.16 -2.61 -28.09
N VAL F 123 -2.12 -2.14 -28.89
CA VAL F 123 -3.04 -3.00 -29.62
C VAL F 123 -3.26 -2.45 -31.02
N ARG F 124 -3.45 -3.36 -31.98
CA ARG F 124 -3.84 -2.95 -33.33
C ARG F 124 -5.30 -2.51 -33.33
N GLY F 125 -5.58 -1.43 -34.03
CA GLY F 125 -6.94 -0.89 -34.07
C GLY F 125 -7.32 -0.26 -32.75
N HIS F 126 -8.47 0.41 -32.71
CA HIS F 126 -8.87 1.10 -31.49
C HIS F 126 -9.21 0.10 -30.40
N PRO F 127 -8.88 0.38 -29.15
CA PRO F 127 -9.22 -0.55 -28.07
C PRO F 127 -10.73 -0.67 -27.92
N ASN F 128 -11.19 -1.89 -27.69
CA ASN F 128 -12.59 -2.19 -27.50
C ASN F 128 -12.83 -2.80 -26.12
N TYR F 129 -14.10 -2.82 -25.72
CA TYR F 129 -14.51 -3.37 -24.44
C TYR F 129 -14.64 -4.89 -24.46
N GLY F 130 -14.09 -5.56 -25.47
CA GLY F 130 -14.11 -7.00 -25.53
C GLY F 130 -13.10 -7.63 -24.57
N SER F 131 -12.43 -8.69 -25.02
CA SER F 131 -11.43 -9.37 -24.21
C SER F 131 -10.06 -9.25 -24.87
N LEU F 132 -9.08 -8.80 -24.09
CA LEU F 132 -7.70 -8.71 -24.53
C LEU F 132 -7.02 -10.06 -24.40
N ASP F 133 -6.07 -10.32 -25.30
CA ASP F 133 -5.33 -11.57 -25.30
C ASP F 133 -4.79 -11.87 -23.90
N ALA F 134 -5.03 -13.11 -23.45
CA ALA F 134 -4.69 -13.47 -22.07
C ALA F 134 -3.20 -13.36 -21.83
N GLY F 135 -2.39 -13.70 -22.83
CA GLY F 135 -0.95 -13.57 -22.68
C GLY F 135 -0.53 -12.13 -22.49
N CYS F 136 -1.05 -11.24 -23.34
CA CYS F 136 -0.75 -9.81 -23.21
C CYS F 136 -1.16 -9.30 -21.83
N ARG F 137 -2.35 -9.68 -21.36
CA ARG F 137 -2.85 -9.15 -20.09
C ARG F 137 -2.07 -9.69 -18.91
N ARG F 138 -1.79 -11.00 -18.89
CA ARG F 138 -1.04 -11.58 -17.78
C ARG F 138 0.38 -11.03 -17.72
N GLU F 139 0.98 -10.78 -18.89
CA GLU F 139 2.35 -10.26 -18.92
C GLU F 139 2.40 -8.82 -18.44
N TYR F 140 1.45 -7.99 -18.89
CA TYR F 140 1.39 -6.62 -18.40
C TYR F 140 1.11 -6.60 -16.91
N GLU F 141 0.27 -7.52 -16.44
CA GLU F 141 0.04 -7.61 -15.00
C GLU F 141 1.33 -7.99 -14.28
N ALA F 142 2.08 -8.95 -14.83
CA ALA F 142 3.34 -9.34 -14.21
C ALA F 142 4.32 -8.16 -14.14
N TYR F 143 4.35 -7.32 -15.18
CA TYR F 143 5.26 -6.18 -15.17
C TYR F 143 4.86 -5.18 -14.09
N VAL F 144 3.56 -4.87 -13.99
CA VAL F 144 3.11 -3.90 -13.01
C VAL F 144 3.12 -4.47 -11.59
N LYS F 145 3.20 -5.79 -11.43
CA LYS F 145 3.24 -6.37 -10.09
C LYS F 145 4.62 -6.30 -9.45
N GLU F 146 5.69 -6.35 -10.25
CA GLU F 146 7.05 -6.31 -9.73
C GLU F 146 7.64 -4.90 -9.64
N ILE F 147 6.87 -3.87 -9.97
CA ILE F 147 7.36 -2.50 -9.89
C ILE F 147 7.74 -2.15 -8.45
N ASN F 152 2.05 3.80 -11.85
CA ASN F 152 0.67 4.26 -12.05
C ASN F 152 0.18 3.82 -13.43
N SER F 153 -0.70 2.83 -13.48
CA SER F 153 -1.22 2.31 -14.74
C SER F 153 -2.56 2.98 -15.04
N THR F 154 -2.61 3.70 -16.16
CA THR F 154 -3.81 4.36 -16.67
C THR F 154 -3.95 4.04 -18.15
N SER F 155 -5.04 4.50 -18.74
CA SER F 155 -5.32 4.27 -20.15
C SER F 155 -5.32 5.59 -20.89
N PRO F 156 -4.34 5.85 -21.76
CA PRO F 156 -4.35 7.10 -22.54
C PRO F 156 -5.46 7.16 -23.55
N TYR F 157 -6.12 6.05 -23.86
CA TYR F 157 -7.12 6.00 -24.91
C TYR F 157 -8.51 6.27 -24.36
N SER F 158 -9.30 6.99 -25.15
CA SER F 158 -10.71 7.19 -24.86
C SER F 158 -11.48 6.98 -26.16
N ASP F 159 -12.77 6.68 -26.02
CA ASP F 159 -13.59 6.46 -27.20
C ASP F 159 -13.73 7.71 -28.05
N ASP F 160 -13.39 8.86 -27.49
CA ASP F 160 -13.40 10.14 -28.18
C ASP F 160 -12.12 10.43 -28.94
N CYS F 161 -11.22 9.45 -29.06
CA CYS F 161 -10.01 9.62 -29.85
C CYS F 161 -10.31 9.37 -31.32
N GLN F 162 -9.89 10.30 -32.17
CA GLN F 162 -10.12 10.20 -33.60
C GLN F 162 -8.81 9.99 -34.36
N GLU G 8 -29.02 -25.41 -15.84
CA GLU G 8 -28.73 -24.46 -14.79
C GLU G 8 -29.49 -23.14 -14.99
N SER G 9 -30.06 -22.63 -13.91
CA SER G 9 -30.73 -21.32 -13.92
C SER G 9 -29.89 -20.31 -13.14
N PHE G 10 -30.01 -19.05 -13.52
CA PHE G 10 -29.22 -17.96 -12.97
C PHE G 10 -30.16 -16.92 -12.38
N ALA G 11 -30.01 -16.67 -11.08
CA ALA G 11 -30.94 -15.79 -10.38
C ALA G 11 -30.70 -14.34 -10.81
N ILE G 12 -31.75 -13.68 -11.28
CA ILE G 12 -31.62 -12.30 -11.73
C ILE G 12 -31.63 -11.32 -10.56
N ASP G 13 -32.17 -11.72 -9.40
CA ASP G 13 -32.15 -10.85 -8.24
C ASP G 13 -30.78 -10.81 -7.58
N GLU G 14 -29.95 -11.85 -7.75
CA GLU G 14 -28.58 -11.80 -7.29
C GLU G 14 -27.70 -11.04 -8.27
N PHE G 15 -27.95 -11.21 -9.57
CA PHE G 15 -27.18 -10.49 -10.58
C PHE G 15 -27.40 -8.98 -10.45
N MET G 16 -28.59 -8.56 -10.04
CA MET G 16 -28.90 -7.15 -9.86
C MET G 16 -28.81 -6.71 -8.40
N ASN G 17 -28.29 -7.56 -7.52
CA ASN G 17 -28.16 -7.21 -6.11
C ASN G 17 -26.88 -6.41 -5.89
N THR G 18 -26.90 -5.17 -6.38
CA THR G 18 -25.76 -4.29 -6.27
C THR G 18 -26.23 -2.84 -6.31
N THR G 19 -25.47 -1.96 -5.67
CA THR G 19 -25.71 -0.52 -5.75
C THR G 19 -25.07 0.09 -6.98
N ASP G 20 -24.38 -0.71 -7.79
CA ASP G 20 -23.69 -0.25 -8.98
C ASP G 20 -24.63 -0.16 -10.18
N ASP G 21 -24.27 0.72 -11.12
CA ASP G 21 -24.95 0.77 -12.40
C ASP G 21 -24.61 -0.48 -13.21
N ILE G 22 -25.63 -1.05 -13.84
CA ILE G 22 -25.46 -2.21 -14.71
C ILE G 22 -25.66 -1.73 -16.14
N TRP G 23 -24.58 -1.69 -16.90
CA TRP G 23 -24.60 -1.13 -18.25
C TRP G 23 -24.87 -2.20 -19.29
N VAL G 24 -25.58 -1.81 -20.35
CA VAL G 24 -25.78 -2.68 -21.51
C VAL G 24 -24.55 -2.49 -22.40
N LEU G 25 -23.61 -3.44 -22.33
CA LEU G 25 -22.40 -3.34 -23.14
C LEU G 25 -22.68 -3.65 -24.61
N ASN G 26 -23.43 -4.72 -24.88
CA ASN G 26 -23.78 -5.10 -26.23
C ASN G 26 -25.24 -5.50 -26.29
N THR G 27 -25.85 -5.35 -27.46
CA THR G 27 -27.25 -5.70 -27.65
C THR G 27 -27.49 -5.97 -29.13
N THR G 28 -28.42 -6.89 -29.39
CA THR G 28 -28.87 -7.17 -30.75
C THR G 28 -30.16 -6.43 -31.11
N GLN G 29 -30.61 -5.52 -30.26
CA GLN G 29 -31.74 -4.68 -30.61
C GLN G 29 -31.38 -3.75 -31.76
N GLN G 30 -32.31 -3.57 -32.69
CA GLN G 30 -32.10 -2.66 -33.80
C GLN G 30 -32.30 -1.23 -33.34
N ASN G 31 -31.34 -0.36 -33.65
CA ASN G 31 -31.38 1.05 -33.29
C ASN G 31 -31.62 1.25 -31.79
N PRO G 32 -30.71 0.80 -30.93
CA PRO G 32 -30.91 0.94 -29.50
C PRO G 32 -30.55 2.33 -28.99
N GLN G 33 -31.09 2.66 -27.82
CA GLN G 33 -30.75 3.91 -27.17
C GLN G 33 -29.30 3.91 -26.70
N ALA G 34 -28.81 5.08 -26.36
CA ALA G 34 -27.43 5.25 -25.91
C ALA G 34 -27.36 5.28 -24.39
N CYS G 35 -26.26 4.75 -23.86
CA CYS G 35 -25.98 4.76 -22.42
C CYS G 35 -27.11 4.10 -21.63
N LYS G 36 -27.53 2.93 -22.09
CA LYS G 36 -28.59 2.18 -21.41
C LYS G 36 -28.04 1.53 -20.16
N LYS G 37 -28.70 1.75 -19.03
CA LYS G 37 -28.23 1.17 -17.77
C LYS G 37 -29.40 1.06 -16.80
N ASP G 38 -29.24 0.15 -15.83
CA ASP G 38 -30.17 -0.04 -14.73
C ASP G 38 -29.44 0.09 -13.40
N LYS G 39 -30.11 0.69 -12.41
CA LYS G 39 -29.62 0.68 -11.04
C LYS G 39 -30.70 0.12 -10.13
N LYS G 40 -30.40 -0.98 -9.46
CA LYS G 40 -31.31 -1.55 -8.49
C LYS G 40 -31.52 -0.59 -7.33
N HIS G 41 -32.78 -0.44 -6.92
CA HIS G 41 -33.10 0.34 -5.73
C HIS G 41 -33.54 -0.54 -4.57
N ASN G 42 -34.27 -1.61 -4.85
CA ASN G 42 -34.71 -2.54 -3.80
C ASN G 42 -35.08 -3.87 -4.43
N ILE G 43 -34.91 -4.94 -3.65
CA ILE G 43 -35.24 -6.29 -4.07
C ILE G 43 -36.12 -6.91 -3.00
N THR G 44 -37.31 -7.35 -3.40
CA THR G 44 -38.25 -8.05 -2.54
C THR G 44 -38.44 -9.47 -3.05
N GLU G 45 -39.35 -10.21 -2.41
CA GLU G 45 -39.65 -11.56 -2.87
C GLU G 45 -40.51 -11.60 -4.12
N ASN G 46 -41.25 -10.52 -4.42
CA ASN G 46 -42.12 -10.49 -5.59
C ASN G 46 -41.45 -9.89 -6.81
N GLY G 47 -40.47 -9.02 -6.62
CA GLY G 47 -39.80 -8.41 -7.75
C GLY G 47 -38.67 -7.51 -7.33
N ILE G 48 -38.30 -6.60 -8.22
CA ILE G 48 -37.16 -5.72 -8.00
C ILE G 48 -37.51 -4.32 -8.49
N TYR G 49 -37.29 -3.32 -7.64
CA TYR G 49 -37.47 -1.93 -8.00
C TYR G 49 -36.14 -1.38 -8.48
N PHE G 50 -36.11 -0.82 -9.69
CA PHE G 50 -34.88 -0.32 -10.26
C PHE G 50 -35.18 0.89 -11.12
N PHE G 51 -34.13 1.58 -11.53
CA PHE G 51 -34.23 2.78 -12.36
C PHE G 51 -33.49 2.52 -13.66
N ARG G 52 -34.23 2.58 -14.77
CA ARG G 52 -33.68 2.34 -16.10
C ARG G 52 -33.47 3.68 -16.79
N SER G 53 -32.24 3.90 -17.28
CA SER G 53 -31.85 5.17 -17.84
C SER G 53 -31.29 4.96 -19.24
N HIS G 54 -31.30 6.03 -20.01
CA HIS G 54 -30.65 6.09 -21.30
C HIS G 54 -30.36 7.55 -21.59
N LYS G 55 -29.58 7.79 -22.64
CA LYS G 55 -29.21 9.13 -23.01
C LYS G 55 -29.88 9.48 -24.34
N GLU G 56 -30.59 10.60 -24.34
CA GLU G 56 -31.29 11.07 -25.52
C GLU G 56 -30.84 12.49 -25.82
N ASN G 57 -30.18 12.67 -26.94
CA ASN G 57 -29.67 13.94 -27.43
C ASN G 57 -29.14 14.83 -26.32
N GLY G 58 -28.21 14.25 -25.58
CA GLY G 58 -27.47 14.89 -24.52
C GLY G 58 -28.08 14.82 -23.14
N GLN G 59 -29.30 14.32 -23.01
CA GLN G 59 -29.99 14.30 -21.74
C GLN G 59 -30.23 12.88 -21.27
N ILE G 60 -30.05 12.66 -19.97
CA ILE G 60 -30.29 11.35 -19.35
C ILE G 60 -31.75 11.28 -18.95
N LYS G 61 -32.47 10.31 -19.51
CA LYS G 61 -33.85 10.01 -19.17
C LYS G 61 -33.88 8.79 -18.27
N THR G 62 -34.66 8.85 -17.19
CA THR G 62 -34.76 7.75 -16.24
C THR G 62 -36.22 7.44 -15.98
N GLN G 63 -36.52 6.16 -15.76
CA GLN G 63 -37.85 5.72 -15.38
C GLN G 63 -37.74 4.70 -14.27
N THR G 64 -38.67 4.77 -13.33
CA THR G 64 -38.71 3.83 -12.22
C THR G 64 -39.55 2.62 -12.63
N LEU G 65 -38.94 1.44 -12.59
CA LEU G 65 -39.60 0.23 -13.01
C LEU G 65 -39.59 -0.80 -11.89
N PHE G 66 -40.61 -1.66 -11.90
CA PHE G 66 -40.71 -2.80 -11.00
C PHE G 66 -40.81 -4.06 -11.85
N GLY G 67 -39.77 -4.88 -11.83
CA GLY G 67 -39.81 -6.15 -12.52
C GLY G 67 -40.29 -7.27 -11.62
N GLU G 68 -41.47 -7.79 -11.88
CA GLU G 68 -42.09 -8.80 -11.04
C GLU G 68 -41.65 -10.19 -11.47
N PHE G 69 -41.23 -11.01 -10.51
CA PHE G 69 -40.81 -12.38 -10.79
C PHE G 69 -42.00 -13.19 -11.30
N ILE G 70 -41.80 -13.84 -12.45
CA ILE G 70 -42.82 -14.68 -13.06
C ILE G 70 -42.23 -16.07 -13.30
N HIS G 71 -43.08 -17.08 -13.18
CA HIS G 71 -42.66 -18.46 -13.34
C HIS G 71 -43.72 -19.23 -14.14
N PHE G 72 -43.26 -20.07 -15.06
CA PHE G 72 -44.15 -20.85 -15.89
C PHE G 72 -44.54 -22.18 -15.25
N SER G 73 -44.04 -22.46 -14.05
CA SER G 73 -44.43 -23.63 -13.30
C SER G 73 -44.32 -23.32 -11.81
N GLU G 74 -44.71 -24.29 -11.00
CA GLU G 74 -44.57 -24.19 -9.55
C GLU G 74 -43.27 -24.79 -9.04
N GLU G 75 -42.54 -25.54 -9.87
CA GLU G 75 -41.28 -26.14 -9.46
C GLU G 75 -40.09 -25.21 -9.65
N GLU G 76 -40.27 -24.09 -10.34
CA GLU G 76 -39.22 -23.09 -10.49
C GLU G 76 -39.25 -22.13 -9.31
N LYS G 77 -38.08 -21.93 -8.68
CA LYS G 77 -37.95 -20.84 -7.71
C LYS G 77 -36.69 -20.02 -7.89
N VAL G 78 -35.86 -20.32 -8.88
CA VAL G 78 -34.82 -19.37 -9.26
C VAL G 78 -35.50 -18.22 -9.99
N ASN G 79 -35.31 -17.00 -9.49
CA ASN G 79 -35.91 -15.80 -10.08
C ASN G 79 -35.03 -15.34 -11.24
N ASN G 80 -35.27 -15.96 -12.40
CA ASN G 80 -34.50 -15.69 -13.60
C ASN G 80 -35.28 -14.90 -14.65
N ARG G 81 -36.52 -14.51 -14.36
CA ARG G 81 -37.36 -13.85 -15.35
C ARG G 81 -38.29 -12.86 -14.66
N ILE G 82 -38.40 -11.67 -15.24
CA ILE G 82 -39.23 -10.61 -14.69
C ILE G 82 -40.16 -10.07 -15.77
N SER G 83 -41.36 -9.68 -15.34
CA SER G 83 -42.30 -8.95 -16.17
C SER G 83 -42.21 -7.46 -15.86
N ILE G 84 -42.22 -6.63 -16.91
CA ILE G 84 -42.05 -5.19 -16.79
C ILE G 84 -43.27 -4.52 -17.41
N SER G 85 -43.81 -3.53 -16.70
CA SER G 85 -45.00 -2.80 -17.14
C SER G 85 -44.65 -1.34 -17.43
N ASP G 86 -45.30 -0.80 -18.46
CA ASP G 86 -45.18 0.62 -18.83
C ASP G 86 -43.73 1.00 -19.13
N GLU G 87 -42.95 0.07 -19.67
CA GLU G 87 -41.58 0.36 -20.07
C GLU G 87 -41.59 1.11 -21.40
N SER G 88 -40.78 2.17 -21.49
CA SER G 88 -40.87 3.09 -22.62
C SER G 88 -40.50 2.43 -23.94
N SER G 89 -39.64 1.41 -23.91
CA SER G 89 -39.24 0.71 -25.12
C SER G 89 -40.13 -0.48 -25.44
N GLY G 90 -41.27 -0.61 -24.76
CA GLY G 90 -42.17 -1.73 -25.01
C GLY G 90 -41.71 -3.06 -24.49
N VAL G 91 -40.66 -3.09 -23.67
CA VAL G 91 -40.18 -4.34 -23.08
C VAL G 91 -41.18 -4.84 -22.06
N HIS G 92 -41.63 -6.09 -22.22
CA HIS G 92 -42.56 -6.69 -21.28
C HIS G 92 -41.99 -7.85 -20.47
N ALA G 93 -40.90 -8.47 -20.94
CA ALA G 93 -40.30 -9.57 -20.20
C ALA G 93 -38.80 -9.59 -20.43
N GLU G 94 -38.06 -10.00 -19.40
CA GLU G 94 -36.62 -10.19 -19.48
C GLU G 94 -36.22 -11.44 -18.72
N HIS G 95 -35.31 -12.22 -19.31
CA HIS G 95 -34.89 -13.50 -18.75
C HIS G 95 -33.38 -13.58 -18.77
N LEU G 96 -32.77 -13.71 -17.58
CA LEU G 96 -31.32 -13.89 -17.45
C LEU G 96 -30.99 -15.37 -17.61
N TYR G 97 -30.30 -15.72 -18.70
CA TYR G 97 -29.98 -17.12 -18.96
C TYR G 97 -28.49 -17.44 -18.81
N TYR G 98 -27.67 -16.46 -18.46
CA TYR G 98 -26.28 -16.75 -18.10
C TYR G 98 -25.71 -15.56 -17.33
N SER G 99 -24.84 -15.88 -16.37
CA SER G 99 -24.12 -14.85 -15.62
C SER G 99 -22.84 -15.47 -15.07
N SER G 100 -21.80 -14.66 -14.98
CA SER G 100 -20.55 -15.12 -14.38
C SER G 100 -20.76 -15.41 -12.90
N GLU G 101 -19.84 -16.20 -12.34
CA GLU G 101 -19.98 -16.62 -10.96
C GLU G 101 -19.93 -15.44 -10.00
N ASP G 102 -19.14 -14.42 -10.33
CA ASP G 102 -19.10 -13.22 -9.51
C ASP G 102 -20.24 -12.25 -9.84
N LYS G 103 -21.15 -12.64 -10.74
CA LYS G 103 -22.35 -11.90 -11.07
C LYS G 103 -22.05 -10.54 -11.70
N LYS G 104 -20.85 -10.37 -12.25
CA LYS G 104 -20.45 -9.10 -12.82
C LYS G 104 -20.80 -8.95 -14.30
N CYS G 105 -21.24 -10.02 -14.96
CA CYS G 105 -21.73 -9.94 -16.32
C CYS G 105 -22.87 -10.92 -16.49
N GLY G 106 -23.79 -10.59 -17.40
CA GLY G 106 -24.94 -11.44 -17.64
C GLY G 106 -25.48 -11.28 -19.04
N LEU G 107 -26.20 -12.30 -19.49
CA LEU G 107 -26.87 -12.32 -20.78
C LEU G 107 -28.36 -12.37 -20.52
N VAL G 108 -29.09 -11.41 -21.07
CA VAL G 108 -30.53 -11.25 -20.82
C VAL G 108 -31.27 -11.34 -22.14
N GLN G 109 -32.25 -12.24 -22.22
CA GLN G 109 -33.15 -12.30 -23.36
C GLN G 109 -34.34 -11.37 -23.10
N VAL G 110 -34.57 -10.44 -24.01
CA VAL G 110 -35.56 -9.38 -23.85
C VAL G 110 -36.67 -9.58 -24.87
N PHE G 111 -37.91 -9.57 -24.40
CA PHE G 111 -39.08 -9.64 -25.27
C PHE G 111 -39.78 -8.29 -25.24
N ALA G 112 -39.90 -7.66 -26.41
CA ALA G 112 -40.53 -6.35 -26.50
C ALA G 112 -41.76 -6.35 -27.40
N LYS G 113 -42.12 -5.17 -27.90
CA LYS G 113 -43.25 -5.01 -28.81
C LYS G 113 -42.90 -5.57 -30.20
N ASP G 114 -43.93 -5.66 -31.03
CA ASP G 114 -43.77 -5.98 -32.45
C ASP G 114 -43.01 -7.29 -32.64
N GLN G 115 -43.24 -8.24 -31.73
CA GLN G 115 -42.62 -9.57 -31.80
C GLN G 115 -41.11 -9.47 -31.84
N ASN G 116 -40.54 -8.58 -31.03
CA ASN G 116 -39.11 -8.36 -31.00
C ASN G 116 -38.49 -9.13 -29.84
N VAL G 117 -37.47 -9.93 -30.15
CA VAL G 117 -36.70 -10.66 -29.15
C VAL G 117 -35.23 -10.42 -29.43
N TRP G 118 -34.48 -10.00 -28.42
CA TRP G 118 -33.05 -9.78 -28.59
C TRP G 118 -32.34 -10.17 -27.30
N THR G 119 -31.02 -10.01 -27.30
CA THR G 119 -30.17 -10.36 -26.18
C THR G 119 -29.28 -9.18 -25.84
N GLU G 120 -29.15 -8.89 -24.54
CA GLU G 120 -28.29 -7.83 -24.06
C GLU G 120 -27.19 -8.45 -23.22
N LEU G 121 -25.95 -8.02 -23.47
CA LEU G 121 -24.81 -8.37 -22.64
C LEU G 121 -24.61 -7.22 -21.65
N ARG G 122 -24.90 -7.48 -20.38
CA ARG G 122 -24.85 -6.46 -19.34
C ARG G 122 -23.68 -6.74 -18.40
N VAL G 123 -23.11 -5.67 -17.86
CA VAL G 123 -21.95 -5.75 -16.98
C VAL G 123 -22.12 -4.76 -15.83
N ARG G 124 -21.63 -5.15 -14.66
CA ARG G 124 -21.60 -4.26 -13.51
C ARG G 124 -20.49 -3.22 -13.68
N GLY G 125 -20.81 -1.97 -13.35
CA GLY G 125 -19.84 -0.90 -13.43
C GLY G 125 -19.42 -0.51 -14.82
N HIS G 126 -18.65 0.57 -14.92
CA HIS G 126 -18.15 1.02 -16.21
C HIS G 126 -17.24 -0.02 -16.81
N PRO G 127 -17.55 -0.54 -17.99
CA PRO G 127 -16.68 -1.54 -18.63
C PRO G 127 -15.30 -0.97 -18.89
N ASN G 128 -14.29 -1.86 -18.80
CA ASN G 128 -12.92 -1.51 -19.12
C ASN G 128 -12.53 -2.23 -20.41
N TYR G 129 -11.45 -1.76 -21.02
CA TYR G 129 -11.03 -2.32 -22.30
C TYR G 129 -10.29 -3.63 -22.09
N GLY G 130 -10.63 -4.63 -22.91
CA GLY G 130 -9.96 -5.91 -22.90
C GLY G 130 -10.24 -6.80 -21.70
N SER G 131 -10.94 -6.31 -20.69
CA SER G 131 -11.21 -7.09 -19.49
C SER G 131 -12.69 -7.44 -19.42
N LEU G 132 -13.10 -8.38 -20.27
CA LEU G 132 -14.44 -8.93 -20.25
C LEU G 132 -14.36 -10.40 -19.88
N ASP G 133 -15.29 -10.86 -19.05
CA ASP G 133 -15.33 -12.26 -18.64
C ASP G 133 -15.40 -13.17 -19.86
N ALA G 134 -14.51 -14.16 -19.89
CA ALA G 134 -14.41 -15.02 -21.07
C ALA G 134 -15.68 -15.84 -21.28
N GLY G 135 -16.29 -16.31 -20.18
CA GLY G 135 -17.52 -17.08 -20.31
C GLY G 135 -18.67 -16.28 -20.89
N CYS G 136 -18.91 -15.10 -20.33
CA CYS G 136 -19.95 -14.21 -20.86
C CYS G 136 -19.68 -13.87 -22.33
N ARG G 137 -18.43 -13.56 -22.67
CA ARG G 137 -18.10 -13.15 -24.02
C ARG G 137 -18.37 -14.27 -25.02
N ARG G 138 -17.89 -15.47 -24.73
CA ARG G 138 -18.07 -16.57 -25.67
C ARG G 138 -19.52 -17.01 -25.73
N GLU G 139 -20.28 -16.87 -24.64
CA GLU G 139 -21.70 -17.17 -24.69
C GLU G 139 -22.43 -16.19 -25.59
N TYR G 140 -22.15 -14.89 -25.45
CA TYR G 140 -22.78 -13.90 -26.32
C TYR G 140 -22.30 -14.05 -27.76
N GLU G 141 -21.02 -14.39 -27.96
CA GLU G 141 -20.52 -14.64 -29.31
C GLU G 141 -21.21 -15.85 -29.92
N ALA G 142 -21.41 -16.91 -29.13
CA ALA G 142 -22.14 -18.07 -29.63
C ALA G 142 -23.56 -17.68 -30.04
N TYR G 143 -24.19 -16.80 -29.28
CA TYR G 143 -25.54 -16.35 -29.62
C TYR G 143 -25.55 -15.57 -30.94
N VAL G 144 -24.67 -14.56 -31.05
CA VAL G 144 -24.61 -13.80 -32.29
C VAL G 144 -24.13 -14.66 -33.44
N LYS G 145 -23.52 -15.82 -33.15
CA LYS G 145 -23.15 -16.74 -34.20
C LYS G 145 -24.31 -17.61 -34.66
N GLU G 146 -25.26 -17.90 -33.76
CA GLU G 146 -26.41 -18.73 -34.09
C GLU G 146 -27.61 -17.93 -34.57
N ILE G 147 -27.42 -16.67 -34.96
CA ILE G 147 -28.52 -15.87 -35.47
C ILE G 147 -28.97 -16.39 -36.83
N GLY G 149 -31.69 -14.99 -38.37
CA GLY G 149 -30.89 -14.98 -39.58
C GLY G 149 -30.04 -13.73 -39.75
N LYS G 150 -30.53 -12.62 -39.20
CA LYS G 150 -29.81 -11.36 -39.25
C LYS G 150 -30.08 -10.58 -37.98
N LYS G 151 -29.03 -10.35 -37.19
CA LYS G 151 -29.12 -9.50 -36.01
C LYS G 151 -27.85 -8.67 -35.90
N ASN G 152 -28.01 -7.40 -35.57
CA ASN G 152 -26.91 -6.44 -35.53
C ASN G 152 -26.53 -6.21 -34.07
N SER G 153 -25.36 -6.70 -33.68
CA SER G 153 -24.88 -6.51 -32.31
C SER G 153 -24.03 -5.26 -32.28
N THR G 154 -24.44 -4.28 -31.47
CA THR G 154 -23.74 -3.02 -31.30
C THR G 154 -23.56 -2.75 -29.82
N SER G 155 -22.84 -1.68 -29.51
CA SER G 155 -22.53 -1.32 -28.12
C SER G 155 -23.17 0.01 -27.74
N PRO G 156 -24.21 0.01 -26.90
CA PRO G 156 -24.78 1.28 -26.44
C PRO G 156 -23.88 2.06 -25.48
N TYR G 157 -22.84 1.44 -24.94
CA TYR G 157 -22.01 2.08 -23.92
C TYR G 157 -20.86 2.83 -24.55
N SER G 158 -20.59 4.03 -24.02
CA SER G 158 -19.42 4.81 -24.38
C SER G 158 -18.85 5.42 -23.10
N ASP G 159 -17.58 5.83 -23.18
CA ASP G 159 -16.93 6.45 -22.03
C ASP G 159 -17.55 7.79 -21.67
N ASP G 160 -18.34 8.39 -22.55
CA ASP G 160 -19.02 9.64 -22.24
C ASP G 160 -20.33 9.41 -21.52
N CYS G 161 -20.64 8.18 -21.15
CA CYS G 161 -21.82 7.86 -20.36
C CYS G 161 -21.51 8.02 -18.87
N GLN G 162 -22.36 8.76 -18.16
CA GLN G 162 -22.19 8.93 -16.72
C GLN G 162 -23.29 8.23 -15.95
N GLU H 8 19.64 24.23 11.95
CA GLU H 8 19.50 22.88 11.41
C GLU H 8 19.73 22.87 9.90
N SER H 9 20.47 21.87 9.44
CA SER H 9 20.79 21.71 8.04
C SER H 9 19.97 20.57 7.44
N PHE H 10 19.70 20.65 6.14
CA PHE H 10 18.86 19.69 5.45
C PHE H 10 19.68 19.04 4.35
N ALA H 11 19.84 17.73 4.44
CA ALA H 11 20.71 16.99 3.53
C ALA H 11 20.06 16.88 2.16
N ILE H 12 20.79 17.31 1.12
CA ILE H 12 20.27 17.26 -0.23
C ILE H 12 20.36 15.85 -0.82
N ASP H 13 21.24 15.00 -0.29
CA ASP H 13 21.29 13.62 -0.75
C ASP H 13 20.17 12.78 -0.17
N GLU H 14 19.59 13.20 0.96
CA GLU H 14 18.39 12.53 1.47
C GLU H 14 17.15 13.01 0.75
N PHE H 15 17.08 14.31 0.47
CA PHE H 15 15.93 14.87 -0.25
C PHE H 15 15.81 14.29 -1.65
N MET H 16 16.94 13.99 -2.29
CA MET H 16 16.96 13.45 -3.64
C MET H 16 17.14 11.94 -3.69
N ASN H 17 17.05 11.26 -2.54
CA ASN H 17 17.22 9.81 -2.49
C ASN H 17 15.89 9.14 -2.84
N THR H 18 15.53 9.28 -4.11
CA THR H 18 14.30 8.71 -4.64
C THR H 18 14.46 8.48 -6.14
N THR H 19 13.75 7.50 -6.66
CA THR H 19 13.72 7.26 -8.11
C THR H 19 12.67 8.09 -8.83
N ASP H 20 11.87 8.87 -8.11
CA ASP H 20 10.84 9.69 -8.71
C ASP H 20 11.40 11.03 -9.18
N ASP H 21 10.74 11.63 -10.17
CA ASP H 21 11.08 12.97 -10.62
C ASP H 21 10.73 14.00 -9.55
N ILE H 22 11.62 14.97 -9.36
CA ILE H 22 11.43 16.08 -8.44
C ILE H 22 11.17 17.33 -9.26
N TRP H 23 9.94 17.83 -9.22
CA TRP H 23 9.52 18.95 -10.06
C TRP H 23 9.71 20.27 -9.32
N VAL H 24 10.03 21.32 -10.08
CA VAL H 24 10.10 22.68 -9.57
C VAL H 24 8.67 23.23 -9.59
N LEU H 25 8.03 23.25 -8.42
CA LEU H 25 6.66 23.74 -8.36
C LEU H 25 6.61 25.27 -8.46
N ASN H 26 7.46 25.95 -7.71
CA ASN H 26 7.52 27.41 -7.73
C ASN H 26 8.97 27.85 -7.78
N THR H 27 9.20 29.04 -8.35
CA THR H 27 10.55 29.58 -8.42
C THR H 27 10.47 31.09 -8.57
N THR H 28 11.47 31.78 -8.00
CA THR H 28 11.62 33.22 -8.14
C THR H 28 12.60 33.58 -9.26
N GLN H 29 13.04 32.61 -10.03
CA GLN H 29 13.82 32.90 -11.22
C GLN H 29 12.95 33.62 -12.22
N GLN H 30 13.47 34.71 -12.79
CA GLN H 30 12.76 35.46 -13.82
C GLN H 30 12.89 34.77 -15.16
N ASN H 31 11.77 34.59 -15.84
CA ASN H 31 11.69 33.91 -17.12
C ASN H 31 12.29 32.50 -17.03
N PRO H 32 11.71 31.62 -16.21
CA PRO H 32 12.26 30.27 -16.07
C PRO H 32 11.78 29.35 -17.18
N GLN H 33 12.51 28.24 -17.36
CA GLN H 33 12.10 27.21 -18.29
C GLN H 33 10.83 26.52 -17.80
N ALA H 34 10.20 25.76 -18.71
CA ALA H 34 8.97 25.05 -18.40
C ALA H 34 9.27 23.60 -18.06
N CYS H 35 8.47 23.05 -17.14
CA CYS H 35 8.55 21.64 -16.77
C CYS H 35 9.94 21.27 -16.27
N LYS H 36 10.48 22.11 -15.38
CA LYS H 36 11.80 21.85 -14.82
C LYS H 36 11.72 20.73 -13.78
N LYS H 37 12.59 19.74 -13.91
CA LYS H 37 12.61 18.60 -13.00
C LYS H 37 13.99 17.98 -12.96
N ASP H 38 14.28 17.28 -11.87
CA ASP H 38 15.50 16.50 -11.72
C ASP H 38 15.13 15.06 -11.36
N LYS H 39 15.88 14.11 -11.90
CA LYS H 39 15.74 12.71 -11.52
C LYS H 39 17.10 12.20 -11.06
N LYS H 40 17.18 11.80 -9.79
CA LYS H 40 18.42 11.23 -9.28
C LYS H 40 18.75 9.94 -9.99
N HIS H 41 20.00 9.78 -10.40
CA HIS H 41 20.48 8.53 -10.97
C HIS H 41 21.42 7.77 -10.04
N ASN H 42 22.25 8.48 -9.28
CA ASN H 42 23.14 7.81 -8.33
C ASN H 42 23.59 8.82 -7.29
N ILE H 43 23.88 8.32 -6.09
CA ILE H 43 24.37 9.13 -4.98
C ILE H 43 25.62 8.50 -4.41
N THR H 44 26.71 9.26 -4.38
CA THR H 44 27.95 8.83 -3.75
C THR H 44 28.22 9.74 -2.55
N GLU H 45 29.34 9.49 -1.88
CA GLU H 45 29.72 10.37 -0.76
C GLU H 45 30.30 11.69 -1.24
N ASN H 46 30.77 11.77 -2.48
CA ASN H 46 31.34 13.00 -3.01
C ASN H 46 30.31 13.86 -3.70
N GLY H 47 29.23 13.28 -4.20
CA GLY H 47 28.21 14.08 -4.85
C GLY H 47 27.04 13.23 -5.30
N ILE H 48 26.29 13.75 -6.26
CA ILE H 48 25.09 13.11 -6.76
C ILE H 48 25.01 13.28 -8.27
N TYR H 49 24.82 12.16 -8.97
CA TYR H 49 24.59 12.17 -10.41
C TYR H 49 23.09 12.19 -10.66
N PHE H 50 22.64 13.16 -11.46
CA PHE H 50 21.22 13.29 -11.75
C PHE H 50 21.05 13.84 -13.15
N PHE H 51 19.80 13.82 -13.62
CA PHE H 51 19.43 14.32 -14.94
C PHE H 51 18.44 15.47 -14.76
N ARG H 52 18.80 16.64 -15.27
CA ARG H 52 17.98 17.84 -15.17
C ARG H 52 17.27 18.08 -16.49
N SER H 53 15.94 18.21 -16.43
CA SER H 53 15.12 18.31 -17.63
C SER H 53 14.25 19.55 -17.60
N HIS H 54 13.82 19.96 -18.78
CA HIS H 54 12.85 21.05 -18.97
C HIS H 54 12.21 20.85 -20.34
N LYS H 55 11.22 21.69 -20.65
CA LYS H 55 10.50 21.61 -21.91
C LYS H 55 10.75 22.86 -22.74
N GLU H 56 11.26 22.67 -23.95
CA GLU H 56 11.50 23.76 -24.91
C GLU H 56 10.73 23.44 -26.18
N ASN H 57 9.67 24.21 -26.44
CA ASN H 57 8.95 24.15 -27.71
C ASN H 57 8.45 22.74 -28.03
N GLY H 58 7.89 22.07 -27.03
CA GLY H 58 7.37 20.73 -27.24
C GLY H 58 8.37 19.61 -27.12
N GLN H 59 9.64 19.91 -26.81
CA GLN H 59 10.67 18.89 -26.69
C GLN H 59 11.23 18.89 -25.27
N ILE H 60 11.36 17.70 -24.69
CA ILE H 60 12.00 17.56 -23.38
C ILE H 60 13.51 17.59 -23.59
N LYS H 61 14.18 18.57 -22.99
CA LYS H 61 15.62 18.68 -23.01
C LYS H 61 16.18 18.19 -21.68
N THR H 62 17.20 17.34 -21.74
CA THR H 62 17.80 16.74 -20.55
C THR H 62 19.32 16.88 -20.61
N GLN H 63 19.92 17.06 -19.44
CA GLN H 63 21.37 17.09 -19.28
C GLN H 63 21.78 16.27 -18.07
N THR H 64 22.91 15.58 -18.21
CA THR H 64 23.48 14.79 -17.12
C THR H 64 24.40 15.68 -16.30
N LEU H 65 24.10 15.81 -15.02
CA LEU H 65 24.87 16.67 -14.14
C LEU H 65 25.38 15.90 -12.93
N PHE H 66 26.51 16.36 -12.40
CA PHE H 66 27.08 15.84 -11.15
C PHE H 66 27.17 17.01 -10.19
N GLY H 67 26.37 16.97 -9.12
CA GLY H 67 26.46 17.97 -8.09
C GLY H 67 27.41 17.55 -6.99
N GLU H 68 28.54 18.24 -6.87
CA GLU H 68 29.57 17.88 -5.91
C GLU H 68 29.28 18.53 -4.56
N PHE H 69 29.32 17.73 -3.51
CA PHE H 69 29.13 18.25 -2.16
C PHE H 69 30.27 19.18 -1.79
N ILE H 70 29.91 20.37 -1.31
CA ILE H 70 30.91 21.36 -0.91
C ILE H 70 30.64 21.75 0.54
N HIS H 71 31.71 22.08 1.25
CA HIS H 71 31.61 22.46 2.65
C HIS H 71 32.52 23.65 2.91
N PHE H 72 32.02 24.64 3.64
CA PHE H 72 32.78 25.85 3.93
C PHE H 72 33.62 25.74 5.20
N SER H 73 33.58 24.60 5.90
CA SER H 73 34.47 24.39 7.04
C SER H 73 34.73 22.88 7.16
N GLU H 74 35.52 22.53 8.17
CA GLU H 74 35.75 21.13 8.48
C GLU H 74 34.75 20.58 9.49
N GLU H 75 33.96 21.45 10.11
CA GLU H 75 32.92 21.03 11.04
C GLU H 75 31.58 20.76 10.36
N GLU H 76 31.46 21.09 9.08
CA GLU H 76 30.22 20.84 8.33
C GLU H 76 30.19 19.39 7.88
N LYS H 77 29.15 18.66 8.29
CA LYS H 77 28.97 17.27 7.92
C LYS H 77 27.75 17.01 7.05
N VAL H 78 26.82 17.96 6.99
CA VAL H 78 25.58 17.78 6.24
C VAL H 78 25.82 18.14 4.78
N ASN H 79 25.48 17.23 3.88
CA ASN H 79 25.59 17.49 2.46
C ASN H 79 24.35 18.27 2.04
N ASN H 80 24.36 19.57 2.33
CA ASN H 80 23.22 20.45 2.05
C ASN H 80 23.48 21.41 0.91
N ARG H 81 24.64 21.33 0.26
CA ARG H 81 25.00 22.29 -0.77
C ARG H 81 25.86 21.58 -1.80
N ILE H 82 25.56 21.83 -3.08
CA ILE H 82 26.27 21.19 -4.17
C ILE H 82 26.79 22.25 -5.13
N SER H 83 27.94 21.96 -5.72
CA SER H 83 28.49 22.75 -6.81
C SER H 83 28.18 22.04 -8.12
N ILE H 84 27.74 22.82 -9.11
CA ILE H 84 27.29 22.29 -10.39
C ILE H 84 28.09 22.94 -11.51
N SER H 85 28.56 22.13 -12.45
CA SER H 85 29.35 22.59 -13.58
C SER H 85 28.60 22.39 -14.89
N ASP H 86 28.77 23.33 -15.82
CA ASP H 86 28.23 23.23 -17.18
C ASP H 86 26.72 23.10 -17.18
N GLU H 87 26.05 23.76 -16.24
CA GLU H 87 24.60 23.78 -16.20
C GLU H 87 24.05 24.73 -17.26
N SER H 88 22.98 24.29 -17.94
CA SER H 88 22.49 24.97 -19.12
C SER H 88 21.99 26.38 -18.82
N SER H 89 21.50 26.61 -17.61
CA SER H 89 21.03 27.93 -17.20
C SER H 89 22.09 28.75 -16.50
N GLY H 90 23.36 28.33 -16.54
CA GLY H 90 24.41 29.04 -15.85
C GLY H 90 24.41 28.86 -14.34
N VAL H 91 23.63 27.90 -13.83
CA VAL H 91 23.60 27.61 -12.41
C VAL H 91 24.91 26.99 -11.98
N HIS H 92 25.56 27.58 -10.97
CA HIS H 92 26.82 27.05 -10.47
C HIS H 92 26.73 26.49 -9.06
N ALA H 93 25.71 26.84 -8.27
CA ALA H 93 25.60 26.34 -6.92
C ALA H 93 24.13 26.20 -6.52
N GLU H 94 23.84 25.20 -5.71
CA GLU H 94 22.51 25.00 -5.15
C GLU H 94 22.62 24.57 -3.70
N HIS H 95 21.76 25.14 -2.85
CA HIS H 95 21.80 24.91 -1.40
C HIS H 95 20.40 24.62 -0.89
N LEU H 96 20.21 23.43 -0.34
CA LEU H 96 18.92 23.04 0.25
C LEU H 96 18.85 23.60 1.67
N TYR H 97 17.94 24.55 1.90
CA TYR H 97 17.84 25.18 3.21
C TYR H 97 16.55 24.83 3.95
N TYR H 98 15.62 24.14 3.31
CA TYR H 98 14.46 23.60 4.01
C TYR H 98 13.92 22.41 3.24
N SER H 99 13.38 21.44 3.99
CA SER H 99 12.71 20.29 3.40
C SER H 99 11.74 19.72 4.42
N SER H 100 10.63 19.20 3.93
CA SER H 100 9.64 18.58 4.79
C SER H 100 10.20 17.31 5.43
N GLU H 101 9.55 16.89 6.51
CA GLU H 101 10.05 15.74 7.28
C GLU H 101 10.01 14.46 6.46
N ASP H 102 9.01 14.30 5.58
CA ASP H 102 8.95 13.16 4.68
C ASP H 102 9.75 13.37 3.40
N LYS H 103 10.45 14.49 3.27
CA LYS H 103 11.35 14.79 2.16
C LYS H 103 10.63 14.94 0.82
N LYS H 104 9.32 15.21 0.84
CA LYS H 104 8.57 15.31 -0.40
C LYS H 104 8.52 16.72 -0.96
N CYS H 105 8.98 17.73 -0.22
CA CYS H 105 9.13 19.08 -0.74
C CYS H 105 10.35 19.73 -0.11
N GLY H 106 10.96 20.65 -0.84
CA GLY H 106 12.16 21.31 -0.38
C GLY H 106 12.33 22.69 -0.98
N LEU H 107 13.14 23.50 -0.29
CA LEU H 107 13.47 24.85 -0.73
C LEU H 107 14.95 24.90 -1.03
N VAL H 108 15.30 25.32 -2.25
CA VAL H 108 16.68 25.33 -2.72
C VAL H 108 17.04 26.76 -3.15
N GLN H 109 18.12 27.28 -2.58
CA GLN H 109 18.68 28.55 -3.01
C GLN H 109 19.67 28.28 -4.13
N VAL H 110 19.47 28.95 -5.27
CA VAL H 110 20.21 28.69 -6.49
C VAL H 110 21.08 29.91 -6.81
N PHE H 111 22.36 29.68 -7.01
CA PHE H 111 23.29 30.73 -7.45
C PHE H 111 23.65 30.43 -8.89
N ALA H 112 23.34 31.38 -9.78
CA ALA H 112 23.63 31.20 -11.20
C ALA H 112 24.54 32.29 -11.75
N LYS H 113 24.51 32.47 -13.07
CA LYS H 113 25.31 33.47 -13.75
C LYS H 113 24.62 34.84 -13.65
N ASP H 114 25.30 35.86 -14.19
CA ASP H 114 24.77 37.22 -14.27
C ASP H 114 24.33 37.74 -12.90
N GLN H 115 24.98 37.25 -11.84
CA GLN H 115 24.77 37.72 -10.48
C GLN H 115 23.31 37.58 -10.06
N ASN H 116 22.74 36.41 -10.31
CA ASN H 116 21.35 36.11 -9.99
C ASN H 116 21.28 34.98 -8.98
N VAL H 117 20.51 35.20 -7.90
CA VAL H 117 20.25 34.20 -6.87
C VAL H 117 18.74 34.14 -6.66
N TRP H 118 18.18 32.93 -6.70
CA TRP H 118 16.75 32.76 -6.51
C TRP H 118 16.49 31.49 -5.70
N THR H 119 15.22 31.22 -5.45
CA THR H 119 14.79 30.08 -4.65
C THR H 119 13.73 29.27 -5.40
N GLU H 120 13.86 27.95 -5.34
CA GLU H 120 12.91 27.04 -5.96
C GLU H 120 12.22 26.21 -4.89
N LEU H 121 10.89 26.10 -4.98
CA LEU H 121 10.12 25.17 -4.17
C LEU H 121 9.89 23.92 -5.03
N ARG H 122 10.56 22.83 -4.65
CA ARG H 122 10.53 21.59 -5.41
C ARG H 122 9.75 20.52 -4.65
N VAL H 123 9.15 19.59 -5.39
CA VAL H 123 8.33 18.53 -4.80
C VAL H 123 8.61 17.22 -5.52
N ARG H 124 8.56 16.13 -4.76
CA ARG H 124 8.65 14.79 -5.34
C ARG H 124 7.34 14.42 -6.02
N GLY H 125 7.45 13.80 -7.19
CA GLY H 125 6.27 13.36 -7.91
C GLY H 125 5.44 14.49 -8.48
N HIS H 126 4.46 14.14 -9.31
CA HIS H 126 3.62 15.15 -9.91
C HIS H 126 2.81 15.88 -8.84
N PRO H 127 2.90 17.21 -8.75
CA PRO H 127 2.08 17.95 -7.80
C PRO H 127 0.60 17.73 -8.03
N ASN H 128 -0.16 17.73 -6.94
CA ASN H 128 -1.60 17.63 -6.97
C ASN H 128 -2.19 18.96 -6.53
N TYR H 129 -3.48 19.15 -6.81
CA TYR H 129 -4.11 20.43 -6.51
C TYR H 129 -4.45 20.52 -5.03
N GLY H 130 -4.09 21.65 -4.42
CA GLY H 130 -4.40 21.90 -3.03
C GLY H 130 -3.66 21.04 -2.03
N SER H 131 -2.63 20.31 -2.45
CA SER H 131 -1.96 19.34 -1.60
C SER H 131 -0.53 19.75 -1.27
N LEU H 132 -0.25 21.05 -1.25
CA LEU H 132 1.10 21.50 -0.93
C LEU H 132 1.34 21.47 0.56
N ASP H 133 2.53 21.01 0.94
CA ASP H 133 2.92 20.94 2.35
C ASP H 133 2.86 22.32 2.99
N ALA H 134 2.21 22.40 4.15
CA ALA H 134 2.02 23.68 4.81
C ALA H 134 3.35 24.29 5.24
N GLY H 135 4.27 23.45 5.72
CA GLY H 135 5.57 23.95 6.14
C GLY H 135 6.38 24.52 4.99
N CYS H 136 6.50 23.76 3.89
CA CYS H 136 7.21 24.25 2.71
C CYS H 136 6.58 25.54 2.19
N ARG H 137 5.24 25.58 2.16
CA ARG H 137 4.55 26.76 1.63
C ARG H 137 4.80 27.98 2.49
N ARG H 138 4.73 27.83 3.81
CA ARG H 138 4.94 28.98 4.70
C ARG H 138 6.38 29.47 4.66
N GLU H 139 7.33 28.55 4.54
CA GLU H 139 8.73 28.94 4.42
C GLU H 139 8.97 29.69 3.11
N TYR H 140 8.42 29.18 2.01
CA TYR H 140 8.55 29.86 0.72
C TYR H 140 7.81 31.19 0.72
N GLU H 141 6.67 31.26 1.41
CA GLU H 141 5.94 32.52 1.53
C GLU H 141 6.76 33.56 2.27
N ALA H 142 7.42 33.15 3.36
CA ALA H 142 8.29 34.08 4.08
C ALA H 142 9.43 34.56 3.20
N TYR H 143 9.98 33.67 2.37
CA TYR H 143 11.09 34.05 1.50
C TYR H 143 10.63 35.06 0.45
N VAL H 144 9.51 34.78 -0.23
CA VAL H 144 9.00 35.71 -1.22
C VAL H 144 8.48 36.98 -0.56
N LYS H 145 8.20 36.93 0.74
CA LYS H 145 7.80 38.16 1.44
C LYS H 145 9.00 39.03 1.77
N GLU H 146 10.19 38.45 1.92
CA GLU H 146 11.36 39.26 2.22
C GLU H 146 12.06 39.77 0.97
N ILE H 147 11.58 39.40 -0.21
CA ILE H 147 12.16 39.84 -1.47
C ILE H 147 11.93 41.34 -1.66
N ASN H 152 9.04 38.07 -8.52
CA ASN H 152 8.08 37.34 -9.33
C ASN H 152 8.17 35.83 -9.15
N SER H 153 7.21 35.27 -8.44
CA SER H 153 7.13 33.84 -8.21
C SER H 153 6.17 33.24 -9.22
N THR H 154 6.65 32.29 -10.01
CA THR H 154 5.83 31.59 -10.99
C THR H 154 5.98 30.10 -10.81
N SER H 155 5.18 29.34 -11.54
CA SER H 155 5.18 27.88 -11.45
C SER H 155 5.61 27.26 -12.76
N PRO H 156 6.79 26.65 -12.84
CA PRO H 156 7.20 25.96 -14.08
C PRO H 156 6.40 24.70 -14.35
N TYR H 157 5.65 24.17 -13.39
CA TYR H 157 4.96 22.90 -13.54
C TYR H 157 3.55 23.09 -14.09
N SER H 158 3.18 22.20 -15.01
CA SER H 158 1.83 22.09 -15.53
C SER H 158 1.47 20.62 -15.62
N ASP H 159 0.17 20.32 -15.71
CA ASP H 159 -0.23 18.93 -15.85
C ASP H 159 0.21 18.35 -17.19
N ASP H 160 0.58 19.18 -18.15
CA ASP H 160 1.11 18.70 -19.43
C ASP H 160 2.61 18.46 -19.37
N CYS H 161 3.21 18.55 -18.19
CA CYS H 161 4.61 18.20 -18.00
C CYS H 161 4.73 16.70 -17.77
N GLN H 162 5.63 16.07 -18.52
CA GLN H 162 5.85 14.64 -18.40
C GLN H 162 7.24 14.29 -17.89
#